data_9EG3
# 
_entry.id   9EG3 
# 
_audit_conform.dict_name       mmcif_pdbx.dic 
_audit_conform.dict_version    5.403 
_audit_conform.dict_location   http://mmcif.pdb.org/dictionaries/ascii/mmcif_pdbx.dic 
# 
loop_
_database_2.database_id 
_database_2.database_code 
_database_2.pdbx_database_accession 
_database_2.pdbx_DOI 
PDB   9EG3         pdb_00009eg3 10.2210/pdb9eg3/pdb 
WWPDB D_1000289707 ?            ?                   
# 
loop_
_pdbx_audit_revision_history.ordinal 
_pdbx_audit_revision_history.data_content_type 
_pdbx_audit_revision_history.major_revision 
_pdbx_audit_revision_history.minor_revision 
_pdbx_audit_revision_history.revision_date 
_pdbx_audit_revision_history.part_number 
1 'Structure model' 1 0 2025-05-21 ? 
2 'Structure model' 1 1 2025-06-04 ? 
# 
_pdbx_audit_revision_details.ordinal             1 
_pdbx_audit_revision_details.revision_ordinal    1 
_pdbx_audit_revision_details.data_content_type   'Structure model' 
_pdbx_audit_revision_details.provider            repository 
_pdbx_audit_revision_details.type                'Initial release' 
_pdbx_audit_revision_details.description         ? 
_pdbx_audit_revision_details.details             ? 
# 
_pdbx_audit_revision_group.ordinal             1 
_pdbx_audit_revision_group.revision_ordinal    2 
_pdbx_audit_revision_group.data_content_type   'Structure model' 
_pdbx_audit_revision_group.group               'Database references' 
# 
loop_
_pdbx_audit_revision_category.ordinal 
_pdbx_audit_revision_category.revision_ordinal 
_pdbx_audit_revision_category.data_content_type 
_pdbx_audit_revision_category.category 
1 2 'Structure model' citation        
2 2 'Structure model' citation_author 
# 
loop_
_pdbx_audit_revision_item.ordinal 
_pdbx_audit_revision_item.revision_ordinal 
_pdbx_audit_revision_item.data_content_type 
_pdbx_audit_revision_item.item 
1 2 'Structure model' '_citation.journal_volume'          
2 2 'Structure model' '_citation.page_first'              
3 2 'Structure model' '_citation.page_last'               
4 2 'Structure model' '_citation_author.identifier_ORCID' 
# 
_pdbx_database_status.status_code                     REL 
_pdbx_database_status.status_code_sf                  REL 
_pdbx_database_status.status_code_mr                  ? 
_pdbx_database_status.entry_id                        9EG3 
_pdbx_database_status.recvd_initial_deposition_date   2024-11-20 
_pdbx_database_status.SG_entry                        N 
_pdbx_database_status.deposit_site                    RCSB 
_pdbx_database_status.process_site                    RCSB 
_pdbx_database_status.status_code_cs                  ? 
_pdbx_database_status.status_code_nmr_data            ? 
_pdbx_database_status.methods_development_category    ? 
_pdbx_database_status.pdb_format_compatible           Y 
# 
_pdbx_contact_author.id                 2 
_pdbx_contact_author.email              andyn@uic.edu 
_pdbx_contact_author.name_first         Andy 
_pdbx_contact_author.name_last          Nguyen 
_pdbx_contact_author.name_mi            I 
_pdbx_contact_author.role               'principal investigator/group leader' 
_pdbx_contact_author.identifier_ORCID   0000-0003-4137-6453 
# 
_audit_author.name               'Richardson-Matthews, R.M.' 
_audit_author.pdbx_ordinal       1 
_audit_author.identifier_ORCID   0000-0002-5871-0908 
# 
_citation.abstract                  ? 
_citation.abstract_id_CAS           ? 
_citation.book_id_ISBN              ? 
_citation.book_publisher            ? 
_citation.book_publisher_city       ? 
_citation.book_title                ? 
_citation.coordinate_linkage        ? 
_citation.country                   US 
_citation.database_id_Medline       ? 
_citation.details                   ? 
_citation.id                        primary 
_citation.journal_abbrev            J.Am.Chem.Soc. 
_citation.journal_id_ASTM           JACSAT 
_citation.journal_id_CSD            ? 
_citation.journal_id_ISSN           1520-5126 
_citation.journal_full              ? 
_citation.journal_issue             ? 
_citation.journal_volume            147 
_citation.language                  ? 
_citation.page_first                17433 
_citation.page_last                 17447 
_citation.title                     'Metal-alpha-Helix Peptide Frameworks.' 
_citation.year                      2025 
_citation.database_id_CSD           ? 
_citation.pdbx_database_id_DOI      10.1021/jacs.5c04078 
_citation.pdbx_database_id_PubMed   40328673 
_citation.pdbx_database_id_patent   ? 
_citation.unpublished_flag          ? 
# 
loop_
_citation_author.citation_id 
_citation_author.name 
_citation_author.ordinal 
_citation_author.identifier_ORCID 
primary 'Richardson-Matthews, R.' 1 ? 
primary 'Velko, K.'               2 ? 
primary 'Bhunia, B.'              3 ? 
primary 'Ghosh, S.'               4 ? 
primary 'Oktawiec, J.'            5 ? 
primary 'Brunzelle, J.S.'         6 ? 
primary 'Dang, V.T.'              7 ? 
primary 'Nguyen, A.I.'            8 ? 
# 
loop_
_entity.id 
_entity.type 
_entity.src_method 
_entity.pdbx_description 
_entity.formula_weight 
_entity.pdbx_number_of_molecules 
_entity.pdbx_ec 
_entity.pdbx_mutation 
_entity.pdbx_fragment 
_entity.details 
1 polymer     syn 'Co-MAHF-9 A8H'   1042.256 1 ? ? ? ? 
2 non-polymer syn 'COBALT (II) ION' 58.933   1 ? ? ? ? 
3 non-polymer syn 'ACETATE ION'     59.044   1 ? ? ? ? 
4 water       nat water             18.015   8 ? ? ? ? 
# 
_entity_poly.entity_id                      1 
_entity_poly.type                           'polypeptide(L)' 
_entity_poly.nstd_linkage                   no 
_entity_poly.nstd_monomer                   yes 
_entity_poly.pdbx_seq_one_letter_code       '(ACE)L(AIB)E(AIB)LHH(AIB)L(NH2)' 
_entity_poly.pdbx_seq_one_letter_code_can   XLAEALHHALX 
_entity_poly.pdbx_strand_id                 A 
_entity_poly.pdbx_target_identifier         ? 
# 
loop_
_pdbx_entity_nonpoly.entity_id 
_pdbx_entity_nonpoly.name 
_pdbx_entity_nonpoly.comp_id 
2 'COBALT (II) ION' CO  
3 'ACETATE ION'     ACT 
4 water             HOH 
# 
loop_
_entity_poly_seq.entity_id 
_entity_poly_seq.num 
_entity_poly_seq.mon_id 
_entity_poly_seq.hetero 
1 1  ACE n 
1 2  LEU n 
1 3  AIB n 
1 4  GLU n 
1 5  AIB n 
1 6  LEU n 
1 7  HIS n 
1 8  HIS n 
1 9  AIB n 
1 10 LEU n 
1 11 NH2 n 
# 
_pdbx_entity_src_syn.entity_id              1 
_pdbx_entity_src_syn.pdbx_src_id            1 
_pdbx_entity_src_syn.pdbx_alt_source_flag   sample 
_pdbx_entity_src_syn.pdbx_beg_seq_num       1 
_pdbx_entity_src_syn.pdbx_end_seq_num       11 
_pdbx_entity_src_syn.organism_scientific    'synthetic construct' 
_pdbx_entity_src_syn.organism_common_name   ? 
_pdbx_entity_src_syn.ncbi_taxonomy_id       32630 
_pdbx_entity_src_syn.details                ? 
# 
loop_
_chem_comp.id 
_chem_comp.type 
_chem_comp.mon_nstd_flag 
_chem_comp.name 
_chem_comp.pdbx_synonyms 
_chem_comp.formula 
_chem_comp.formula_weight 
ACE non-polymer         . 'ACETYL GROUP'               ? 'C2 H4 O'        44.053  
ACT non-polymer         . 'ACETATE ION'                ? 'C2 H3 O2 -1'    59.044  
AIB 'L-peptide linking' n 'ALPHA-AMINOISOBUTYRIC ACID' ? 'C4 H9 N O2'     103.120 
CO  non-polymer         . 'COBALT (II) ION'            ? 'Co 2'           58.933  
GLU 'L-peptide linking' y 'GLUTAMIC ACID'              ? 'C5 H9 N O4'     147.129 
HIS 'L-peptide linking' y HISTIDINE                    ? 'C6 H10 N3 O2 1' 156.162 
HOH non-polymer         . WATER                        ? 'H2 O'           18.015  
LEU 'L-peptide linking' y LEUCINE                      ? 'C6 H13 N O2'    131.173 
NH2 non-polymer         . 'AMINO GROUP'                ? 'H2 N'           16.023  
# 
loop_
_pdbx_poly_seq_scheme.asym_id 
_pdbx_poly_seq_scheme.entity_id 
_pdbx_poly_seq_scheme.seq_id 
_pdbx_poly_seq_scheme.mon_id 
_pdbx_poly_seq_scheme.ndb_seq_num 
_pdbx_poly_seq_scheme.pdb_seq_num 
_pdbx_poly_seq_scheme.auth_seq_num 
_pdbx_poly_seq_scheme.pdb_mon_id 
_pdbx_poly_seq_scheme.auth_mon_id 
_pdbx_poly_seq_scheme.pdb_strand_id 
_pdbx_poly_seq_scheme.pdb_ins_code 
_pdbx_poly_seq_scheme.hetero 
A 1 1  ACE 1  1  1  ACE ACY A . n 
A 1 2  LEU 2  2  2  LEU LEU A . n 
A 1 3  AIB 3  3  3  AIB AIB A . n 
A 1 4  GLU 4  4  4  GLU GLU A . n 
A 1 5  AIB 5  5  5  AIB AIB A . n 
A 1 6  LEU 6  6  6  LEU LEU A . n 
A 1 7  HIS 7  7  7  HIS HIS A . n 
A 1 8  HIS 8  8  8  HIS HIS A . n 
A 1 9  AIB 9  9  9  AIB AIB A . n 
A 1 10 LEU 10 10 10 LEU LEU A . n 
A 1 11 NH2 11 11 11 NH2 NH3 A . n 
# 
loop_
_pdbx_nonpoly_scheme.asym_id 
_pdbx_nonpoly_scheme.entity_id 
_pdbx_nonpoly_scheme.mon_id 
_pdbx_nonpoly_scheme.ndb_seq_num 
_pdbx_nonpoly_scheme.pdb_seq_num 
_pdbx_nonpoly_scheme.auth_seq_num 
_pdbx_nonpoly_scheme.pdb_mon_id 
_pdbx_nonpoly_scheme.auth_mon_id 
_pdbx_nonpoly_scheme.pdb_strand_id 
_pdbx_nonpoly_scheme.pdb_ins_code 
B 2 CO  1 101 1 CO  CO  A . 
C 3 ACT 1 102 2 ACT ACT A . 
D 4 HOH 1 201 4 HOH HOH A . 
D 4 HOH 2 202 2 HOH HOH A . 
D 4 HOH 3 203 3 HOH HOH A . 
D 4 HOH 4 204 8 HOH HOH A . 
D 4 HOH 5 205 1 HOH HOH A . 
D 4 HOH 6 206 5 HOH HOH A . 
D 4 HOH 7 207 7 HOH HOH A . 
D 4 HOH 8 208 6 HOH HOH A . 
# 
loop_
_software.citation_id 
_software.classification 
_software.compiler_name 
_software.compiler_version 
_software.contact_author 
_software.contact_author_email 
_software.date 
_software.description 
_software.dependencies 
_software.hardware 
_software.language 
_software.location 
_software.mods 
_software.name 
_software.os 
_software.os_version 
_software.type 
_software.version 
_software.pdbx_ordinal 
? refinement       ? ? ? ? ? ? ? ? ? ? ? PHENIX ? ? ? 1.20.1_4487 1 
? 'data reduction' ? ? ? ? ? ? ? ? ? ? ? XDS    ? ? ? .           2 
? 'data scaling'   ? ? ? ? ? ? ? ? ? ? ? XDS    ? ? ? .           3 
? phasing          ? ? ? ? ? ? ? ? ? ? ? PHASER ? ? ? .           4 
# 
_cell.angle_alpha                  90.000 
_cell.angle_alpha_esd              ? 
_cell.angle_beta                   90.000 
_cell.angle_beta_esd               ? 
_cell.angle_gamma                  90.000 
_cell.angle_gamma_esd              ? 
_cell.entry_id                     9EG3 
_cell.details                      ? 
_cell.formula_units_Z              ? 
_cell.length_a                     11.033 
_cell.length_a_esd                 ? 
_cell.length_b                     30.866 
_cell.length_b_esd                 ? 
_cell.length_c                     40.588 
_cell.length_c_esd                 ? 
_cell.volume                       13822.023 
_cell.volume_esd                   ? 
_cell.Z_PDB                        8 
_cell.reciprocal_angle_alpha       ? 
_cell.reciprocal_angle_beta        ? 
_cell.reciprocal_angle_gamma       ? 
_cell.reciprocal_angle_alpha_esd   ? 
_cell.reciprocal_angle_beta_esd    ? 
_cell.reciprocal_angle_gamma_esd   ? 
_cell.reciprocal_length_a          ? 
_cell.reciprocal_length_b          ? 
_cell.reciprocal_length_c          ? 
_cell.reciprocal_length_a_esd      ? 
_cell.reciprocal_length_b_esd      ? 
_cell.reciprocal_length_c_esd      ? 
_cell.pdbx_unique_axis             ? 
_cell.pdbx_esd_method              ? 
# 
_symmetry.entry_id                         9EG3 
_symmetry.cell_setting                     ? 
_symmetry.Int_Tables_number                20 
_symmetry.space_group_name_Hall            'C 2c 2' 
_symmetry.space_group_name_H-M             'C 2 2 21' 
_symmetry.pdbx_full_space_group_name_H-M   ? 
# 
_exptl.absorpt_coefficient_mu     ? 
_exptl.absorpt_correction_T_max   ? 
_exptl.absorpt_correction_T_min   ? 
_exptl.absorpt_correction_type    ? 
_exptl.absorpt_process_details    ? 
_exptl.entry_id                   9EG3 
_exptl.crystals_number            1 
_exptl.details                    ? 
_exptl.method                     'X-RAY DIFFRACTION' 
_exptl.method_details             ? 
# 
_exptl_crystal.colour                       ? 
_exptl_crystal.density_diffrn               ? 
_exptl_crystal.density_Matthews             1.63 
_exptl_crystal.density_method               ? 
_exptl_crystal.density_percent_sol          24.59 
_exptl_crystal.description                  ? 
_exptl_crystal.F_000                        ? 
_exptl_crystal.id                           1 
_exptl_crystal.preparation                  ? 
_exptl_crystal.size_max                     ? 
_exptl_crystal.size_mid                     ? 
_exptl_crystal.size_min                     ? 
_exptl_crystal.size_rad                     ? 
_exptl_crystal.colour_lustre                ? 
_exptl_crystal.colour_modifier              ? 
_exptl_crystal.colour_primary               ? 
_exptl_crystal.density_meas                 ? 
_exptl_crystal.density_meas_esd             ? 
_exptl_crystal.density_meas_gt              ? 
_exptl_crystal.density_meas_lt              ? 
_exptl_crystal.density_meas_temp            ? 
_exptl_crystal.density_meas_temp_esd        ? 
_exptl_crystal.density_meas_temp_gt         ? 
_exptl_crystal.density_meas_temp_lt         ? 
_exptl_crystal.pdbx_crystal_image_url       ? 
_exptl_crystal.pdbx_crystal_image_format    ? 
_exptl_crystal.pdbx_mosaicity               ? 
_exptl_crystal.pdbx_mosaicity_esd           ? 
_exptl_crystal.pdbx_mosaic_method           ? 
_exptl_crystal.pdbx_mosaic_block_size       ? 
_exptl_crystal.pdbx_mosaic_block_size_esd   ? 
# 
_exptl_crystal_grow.apparatus       ? 
_exptl_crystal_grow.atmosphere      ? 
_exptl_crystal_grow.crystal_id      1 
_exptl_crystal_grow.details         ? 
_exptl_crystal_grow.method          'SLOW COOLING' 
_exptl_crystal_grow.method_ref      ? 
_exptl_crystal_grow.pH              ? 
_exptl_crystal_grow.pressure        ? 
_exptl_crystal_grow.pressure_esd    ? 
_exptl_crystal_grow.seeding         ? 
_exptl_crystal_grow.seeding_ref     ? 
_exptl_crystal_grow.temp_details    ? 
_exptl_crystal_grow.temp_esd        ? 
_exptl_crystal_grow.time            ? 
_exptl_crystal_grow.pdbx_details    'acetonitrile, water, cobalt acetate, methanol' 
_exptl_crystal_grow.pdbx_pH_range   ? 
_exptl_crystal_grow.temp            298 
# 
_diffrn.ambient_environment              ? 
_diffrn.ambient_temp                     100 
_diffrn.ambient_temp_details             ? 
_diffrn.ambient_temp_esd                 ? 
_diffrn.crystal_id                       1 
_diffrn.crystal_support                  ? 
_diffrn.crystal_treatment                ? 
_diffrn.details                          ? 
_diffrn.id                               1 
_diffrn.ambient_pressure                 ? 
_diffrn.ambient_pressure_esd             ? 
_diffrn.ambient_pressure_gt              ? 
_diffrn.ambient_pressure_lt              ? 
_diffrn.ambient_temp_gt                  ? 
_diffrn.ambient_temp_lt                  ? 
_diffrn.pdbx_serial_crystal_experiment   N 
# 
_diffrn_detector.details                      ? 
_diffrn_detector.detector                     PIXEL 
_diffrn_detector.diffrn_id                    1 
_diffrn_detector.type                         'DECTRIS EIGER X 16M' 
_diffrn_detector.area_resol_mean              ? 
_diffrn_detector.dtime                        ? 
_diffrn_detector.pdbx_frames_total            ? 
_diffrn_detector.pdbx_collection_time_total   ? 
_diffrn_detector.pdbx_collection_date         2022-10-28 
_diffrn_detector.pdbx_frequency               ? 
_diffrn_detector.id                           ? 
_diffrn_detector.number_of_axes               ? 
# 
_diffrn_radiation.collimation                      ? 
_diffrn_radiation.diffrn_id                        1 
_diffrn_radiation.filter_edge                      ? 
_diffrn_radiation.inhomogeneity                    ? 
_diffrn_radiation.monochromator                    ? 
_diffrn_radiation.polarisn_norm                    ? 
_diffrn_radiation.polarisn_ratio                   ? 
_diffrn_radiation.probe                            ? 
_diffrn_radiation.type                             ? 
_diffrn_radiation.xray_symbol                      ? 
_diffrn_radiation.wavelength_id                    1 
_diffrn_radiation.pdbx_monochromatic_or_laue_m_l   M 
_diffrn_radiation.pdbx_wavelength_list             ? 
_diffrn_radiation.pdbx_wavelength                  ? 
_diffrn_radiation.pdbx_diffrn_protocol             'SINGLE WAVELENGTH' 
_diffrn_radiation.pdbx_analyzer                    ? 
_diffrn_radiation.pdbx_scattering_type             x-ray 
# 
_diffrn_radiation_wavelength.id           1 
_diffrn_radiation_wavelength.wavelength   0.619920 
_diffrn_radiation_wavelength.wt           1.0 
# 
_diffrn_source.current                     ? 
_diffrn_source.details                     ? 
_diffrn_source.diffrn_id                   1 
_diffrn_source.power                       ? 
_diffrn_source.size                        ? 
_diffrn_source.source                      SYNCHROTRON 
_diffrn_source.target                      ? 
_diffrn_source.type                        'APS BEAMLINE 21-ID-D' 
_diffrn_source.voltage                     ? 
_diffrn_source.take-off_angle              ? 
_diffrn_source.pdbx_wavelength_list        0.619920 
_diffrn_source.pdbx_wavelength             ? 
_diffrn_source.pdbx_synchrotron_beamline   21-ID-D 
_diffrn_source.pdbx_synchrotron_site       APS 
# 
_reflns.B_iso_Wilson_estimate                          7.35 
_reflns.entry_id                                       9EG3 
_reflns.data_reduction_details                         ? 
_reflns.data_reduction_method                          ? 
_reflns.d_resolution_high                              1.04 
_reflns.d_resolution_low                               14.43 
_reflns.details                                        ? 
_reflns.limit_h_max                                    ? 
_reflns.limit_h_min                                    ? 
_reflns.limit_k_max                                    ? 
_reflns.limit_k_min                                    ? 
_reflns.limit_l_max                                    ? 
_reflns.limit_l_min                                    ? 
_reflns.number_all                                     ? 
_reflns.number_obs                                     6478 
_reflns.observed_criterion                             ? 
_reflns.observed_criterion_F_max                       ? 
_reflns.observed_criterion_F_min                       ? 
_reflns.observed_criterion_I_max                       ? 
_reflns.observed_criterion_I_min                       ? 
_reflns.observed_criterion_sigma_F                     ? 
_reflns.observed_criterion_sigma_I                     ? 
_reflns.percent_possible_obs                           95.04 
_reflns.R_free_details                                 ? 
_reflns.Rmerge_F_all                                   ? 
_reflns.Rmerge_F_obs                                   ? 
_reflns.Friedel_coverage                               ? 
_reflns.number_gt                                      ? 
_reflns.threshold_expression                           ? 
_reflns.pdbx_redundancy                                6.4 
_reflns.pdbx_netI_over_av_sigmaI                       ? 
_reflns.pdbx_netI_over_sigmaI                          8.94 
_reflns.pdbx_res_netI_over_av_sigmaI_2                 ? 
_reflns.pdbx_res_netI_over_sigmaI_2                    ? 
_reflns.pdbx_chi_squared                               ? 
_reflns.pdbx_scaling_rejects                           ? 
_reflns.pdbx_d_res_high_opt                            ? 
_reflns.pdbx_d_res_low_opt                             ? 
_reflns.pdbx_d_res_opt_method                          ? 
_reflns.phase_calculation_details                      ? 
_reflns.pdbx_Rrim_I_all                                ? 
_reflns.pdbx_Rpim_I_all                                ? 
_reflns.pdbx_d_opt                                     ? 
_reflns.pdbx_number_measured_all                       ? 
_reflns.pdbx_diffrn_id                                 1 
_reflns.pdbx_ordinal                                   1 
_reflns.pdbx_CC_half                                   0.998 
_reflns.pdbx_CC_star                                   ? 
_reflns.pdbx_R_split                                   ? 
_reflns.pdbx_Rmerge_I_obs                              ? 
_reflns.pdbx_Rmerge_I_all                              ? 
_reflns.pdbx_Rsym_value                                ? 
_reflns.pdbx_CC_split_method                           ? 
_reflns.pdbx_aniso_diffraction_limit_axis_1_ortho[1]   ? 
_reflns.pdbx_aniso_diffraction_limit_axis_1_ortho[2]   ? 
_reflns.pdbx_aniso_diffraction_limit_axis_1_ortho[3]   ? 
_reflns.pdbx_aniso_diffraction_limit_axis_2_ortho[1]   ? 
_reflns.pdbx_aniso_diffraction_limit_axis_2_ortho[2]   ? 
_reflns.pdbx_aniso_diffraction_limit_axis_2_ortho[3]   ? 
_reflns.pdbx_aniso_diffraction_limit_axis_3_ortho[1]   ? 
_reflns.pdbx_aniso_diffraction_limit_axis_3_ortho[2]   ? 
_reflns.pdbx_aniso_diffraction_limit_axis_3_ortho[3]   ? 
_reflns.pdbx_aniso_diffraction_limit_1                 ? 
_reflns.pdbx_aniso_diffraction_limit_2                 ? 
_reflns.pdbx_aniso_diffraction_limit_3                 ? 
_reflns.pdbx_aniso_B_tensor_eigenvector_1_ortho[1]     ? 
_reflns.pdbx_aniso_B_tensor_eigenvector_1_ortho[2]     ? 
_reflns.pdbx_aniso_B_tensor_eigenvector_1_ortho[3]     ? 
_reflns.pdbx_aniso_B_tensor_eigenvector_2_ortho[1]     ? 
_reflns.pdbx_aniso_B_tensor_eigenvector_2_ortho[2]     ? 
_reflns.pdbx_aniso_B_tensor_eigenvector_2_ortho[3]     ? 
_reflns.pdbx_aniso_B_tensor_eigenvector_3_ortho[1]     ? 
_reflns.pdbx_aniso_B_tensor_eigenvector_3_ortho[2]     ? 
_reflns.pdbx_aniso_B_tensor_eigenvector_3_ortho[3]     ? 
_reflns.pdbx_aniso_B_tensor_eigenvalue_1               ? 
_reflns.pdbx_aniso_B_tensor_eigenvalue_2               ? 
_reflns.pdbx_aniso_B_tensor_eigenvalue_3               ? 
_reflns.pdbx_orthogonalization_convention              ? 
_reflns.pdbx_percent_possible_ellipsoidal              ? 
_reflns.pdbx_percent_possible_spherical                ? 
_reflns.pdbx_percent_possible_ellipsoidal_anomalous    ? 
_reflns.pdbx_percent_possible_spherical_anomalous      ? 
_reflns.pdbx_redundancy_anomalous                      ? 
_reflns.pdbx_CC_half_anomalous                         ? 
_reflns.pdbx_absDiff_over_sigma_anomalous              ? 
_reflns.pdbx_percent_possible_anomalous                ? 
_reflns.pdbx_observed_signal_threshold                 ? 
_reflns.pdbx_signal_type                               ? 
_reflns.pdbx_signal_details                            ? 
_reflns.pdbx_signal_software_id                        ? 
# 
_reflns_shell.d_res_high                                    1.04 
_reflns_shell.d_res_low                                     1.14 
_reflns_shell.meanI_over_sigI_all                           ? 
_reflns_shell.meanI_over_sigI_obs                           ? 
_reflns_shell.number_measured_all                           ? 
_reflns_shell.number_measured_obs                           ? 
_reflns_shell.number_possible                               ? 
_reflns_shell.number_unique_all                             ? 
_reflns_shell.number_unique_obs                             1199 
_reflns_shell.percent_possible_obs                          ? 
_reflns_shell.Rmerge_F_all                                  ? 
_reflns_shell.Rmerge_F_obs                                  ? 
_reflns_shell.meanI_over_sigI_gt                            ? 
_reflns_shell.meanI_over_uI_all                             ? 
_reflns_shell.meanI_over_uI_gt                              ? 
_reflns_shell.number_measured_gt                            ? 
_reflns_shell.number_unique_gt                              ? 
_reflns_shell.percent_possible_gt                           ? 
_reflns_shell.Rmerge_F_gt                                   ? 
_reflns_shell.Rmerge_I_gt                                   ? 
_reflns_shell.pdbx_redundancy                               ? 
_reflns_shell.pdbx_chi_squared                              ? 
_reflns_shell.pdbx_netI_over_sigmaI_all                     ? 
_reflns_shell.pdbx_netI_over_sigmaI_obs                     ? 
_reflns_shell.pdbx_Rrim_I_all                               ? 
_reflns_shell.pdbx_Rpim_I_all                               ? 
_reflns_shell.pdbx_rejects                                  ? 
_reflns_shell.pdbx_ordinal                                  1 
_reflns_shell.pdbx_diffrn_id                                1 
_reflns_shell.pdbx_CC_half                                  0.536 
_reflns_shell.pdbx_CC_star                                  ? 
_reflns_shell.pdbx_R_split                                  ? 
_reflns_shell.percent_possible_all                          ? 
_reflns_shell.Rmerge_I_all                                  ? 
_reflns_shell.Rmerge_I_obs                                  ? 
_reflns_shell.pdbx_Rsym_value                               ? 
_reflns_shell.pdbx_percent_possible_ellipsoidal             ? 
_reflns_shell.pdbx_percent_possible_spherical               ? 
_reflns_shell.pdbx_percent_possible_ellipsoidal_anomalous   ? 
_reflns_shell.pdbx_percent_possible_spherical_anomalous     ? 
_reflns_shell.pdbx_redundancy_anomalous                     ? 
_reflns_shell.pdbx_CC_half_anomalous                        ? 
_reflns_shell.pdbx_absDiff_over_sigma_anomalous             ? 
_reflns_shell.pdbx_percent_possible_anomalous               ? 
# 
_refine.aniso_B[1][1]                            ? 
_refine.aniso_B[1][2]                            ? 
_refine.aniso_B[1][3]                            ? 
_refine.aniso_B[2][2]                            ? 
_refine.aniso_B[2][3]                            ? 
_refine.aniso_B[3][3]                            ? 
_refine.B_iso_max                                ? 
_refine.B_iso_mean                               10.40 
_refine.B_iso_min                                ? 
_refine.correlation_coeff_Fo_to_Fc               ? 
_refine.correlation_coeff_Fo_to_Fc_free          ? 
_refine.details                                  ? 
_refine.diff_density_max                         ? 
_refine.diff_density_max_esd                     ? 
_refine.diff_density_min                         ? 
_refine.diff_density_min_esd                     ? 
_refine.diff_density_rms                         ? 
_refine.diff_density_rms_esd                     ? 
_refine.entry_id                                 9EG3 
_refine.pdbx_refine_id                           'X-RAY DIFFRACTION' 
_refine.ls_abs_structure_details                 ? 
_refine.ls_abs_structure_Flack                   ? 
_refine.ls_abs_structure_Flack_esd               ? 
_refine.ls_abs_structure_Rogers                  ? 
_refine.ls_abs_structure_Rogers_esd              ? 
_refine.ls_d_res_high                            1.04 
_refine.ls_d_res_low                             14.43 
_refine.ls_extinction_coef                       ? 
_refine.ls_extinction_coef_esd                   ? 
_refine.ls_extinction_expression                 ? 
_refine.ls_extinction_method                     ? 
_refine.ls_goodness_of_fit_all                   ? 
_refine.ls_goodness_of_fit_all_esd               ? 
_refine.ls_goodness_of_fit_obs                   ? 
_refine.ls_goodness_of_fit_obs_esd               ? 
_refine.ls_hydrogen_treatment                    ? 
_refine.ls_matrix_type                           ? 
_refine.ls_number_constraints                    ? 
_refine.ls_number_parameters                     ? 
_refine.ls_number_reflns_all                     ? 
_refine.ls_number_reflns_obs                     6128 
_refine.ls_number_reflns_R_free                  619 
_refine.ls_number_reflns_R_work                  5509 
_refine.ls_number_restraints                     ? 
_refine.ls_percent_reflns_obs                    95.04 
_refine.ls_percent_reflns_R_free                 10.10 
_refine.ls_R_factor_all                          ? 
_refine.ls_R_factor_obs                          0.1031 
_refine.ls_R_factor_R_free                       0.1104 
_refine.ls_R_factor_R_free_error                 ? 
_refine.ls_R_factor_R_free_error_details         ? 
_refine.ls_R_factor_R_work                       0.1022 
_refine.ls_R_Fsqd_factor_obs                     ? 
_refine.ls_R_I_factor_obs                        ? 
_refine.ls_redundancy_reflns_all                 ? 
_refine.ls_redundancy_reflns_obs                 ? 
_refine.ls_restrained_S_all                      ? 
_refine.ls_restrained_S_obs                      ? 
_refine.ls_shift_over_esd_max                    ? 
_refine.ls_shift_over_esd_mean                   ? 
_refine.ls_structure_factor_coef                 ? 
_refine.ls_weighting_details                     ? 
_refine.ls_weighting_scheme                      ? 
_refine.ls_wR_factor_all                         ? 
_refine.ls_wR_factor_obs                         ? 
_refine.ls_wR_factor_R_free                      ? 
_refine.ls_wR_factor_R_work                      ? 
_refine.occupancy_max                            ? 
_refine.occupancy_min                            ? 
_refine.solvent_model_details                    'FLAT BULK SOLVENT MODEL' 
_refine.solvent_model_param_bsol                 ? 
_refine.solvent_model_param_ksol                 ? 
_refine.pdbx_R_complete                          ? 
_refine.ls_R_factor_gt                           ? 
_refine.ls_goodness_of_fit_gt                    ? 
_refine.ls_goodness_of_fit_ref                   ? 
_refine.ls_shift_over_su_max                     ? 
_refine.ls_shift_over_su_max_lt                  ? 
_refine.ls_shift_over_su_mean                    ? 
_refine.ls_shift_over_su_mean_lt                 ? 
_refine.pdbx_ls_sigma_I                          ? 
_refine.pdbx_ls_sigma_F                          1.38 
_refine.pdbx_ls_sigma_Fsqd                       ? 
_refine.pdbx_data_cutoff_high_absF               ? 
_refine.pdbx_data_cutoff_high_rms_absF           ? 
_refine.pdbx_data_cutoff_low_absF                ? 
_refine.pdbx_isotropic_thermal_model             ? 
_refine.pdbx_ls_cross_valid_method               'FREE R-VALUE' 
_refine.pdbx_method_to_determine_struct          'MOLECULAR REPLACEMENT' 
_refine.pdbx_starting_model                      ? 
_refine.pdbx_stereochemistry_target_values       'GeoStd + Monomer Library + CDL v1.2' 
_refine.pdbx_R_Free_selection_details            ? 
_refine.pdbx_stereochem_target_val_spec_case     ? 
_refine.pdbx_overall_ESU_R                       ? 
_refine.pdbx_overall_ESU_R_Free                  ? 
_refine.pdbx_solvent_vdw_probe_radii             1.1000 
_refine.pdbx_solvent_ion_probe_radii             ? 
_refine.pdbx_solvent_shrinkage_radii             0.9000 
_refine.pdbx_real_space_R                        ? 
_refine.pdbx_density_correlation                 ? 
_refine.pdbx_pd_number_of_powder_patterns        ? 
_refine.pdbx_pd_number_of_points                 ? 
_refine.pdbx_pd_meas_number_of_points            ? 
_refine.pdbx_pd_proc_ls_prof_R_factor            ? 
_refine.pdbx_pd_proc_ls_prof_wR_factor           ? 
_refine.pdbx_pd_Marquardt_correlation_coeff      ? 
_refine.pdbx_pd_Fsqrd_R_factor                   ? 
_refine.pdbx_pd_ls_matrix_band_width             ? 
_refine.pdbx_overall_phase_error                 12.6521 
_refine.pdbx_overall_SU_R_free_Cruickshank_DPI   ? 
_refine.pdbx_overall_SU_R_free_Blow_DPI          ? 
_refine.pdbx_overall_SU_R_Blow_DPI               ? 
_refine.pdbx_TLS_residual_ADP_flag               ? 
_refine.pdbx_diffrn_id                           1 
_refine.overall_SU_B                             ? 
_refine.overall_SU_ML                            0.0642 
_refine.overall_SU_R_Cruickshank_DPI             ? 
_refine.overall_SU_R_free                        ? 
_refine.overall_FOM_free_R_set                   ? 
_refine.overall_FOM_work_R_set                   ? 
_refine.pdbx_average_fsc_overall                 ? 
_refine.pdbx_average_fsc_work                    ? 
_refine.pdbx_average_fsc_free                    ? 
# 
_refine_hist.pdbx_refine_id                   'X-RAY DIFFRACTION' 
_refine_hist.cycle_id                         LAST 
_refine_hist.details                          ? 
_refine_hist.d_res_high                       1.04 
_refine_hist.d_res_low                        14.43 
_refine_hist.number_atoms_solvent             8 
_refine_hist.number_atoms_total               88 
_refine_hist.number_reflns_all                ? 
_refine_hist.number_reflns_obs                ? 
_refine_hist.number_reflns_R_free             ? 
_refine_hist.number_reflns_R_work             ? 
_refine_hist.R_factor_all                     ? 
_refine_hist.R_factor_obs                     ? 
_refine_hist.R_factor_R_free                  ? 
_refine_hist.R_factor_R_work                  ? 
_refine_hist.pdbx_number_residues_total       ? 
_refine_hist.pdbx_B_iso_mean_ligand           ? 
_refine_hist.pdbx_B_iso_mean_solvent          ? 
_refine_hist.pdbx_number_atoms_protein        71 
_refine_hist.pdbx_number_atoms_nucleic_acid   0 
_refine_hist.pdbx_number_atoms_ligand         9 
_refine_hist.pdbx_number_atoms_lipid          ? 
_refine_hist.pdbx_number_atoms_carb           ? 
_refine_hist.pdbx_pseudo_atom_details         ? 
# 
loop_
_refine_ls_restr.pdbx_refine_id 
_refine_ls_restr.criterion 
_refine_ls_restr.dev_ideal 
_refine_ls_restr.dev_ideal_target 
_refine_ls_restr.number 
_refine_ls_restr.rejects 
_refine_ls_restr.type 
_refine_ls_restr.weight 
_refine_ls_restr.pdbx_restraint_function 
'X-RAY DIFFRACTION' ? 0.0083  ? 87  ? f_bond_d           ? ? 
'X-RAY DIFFRACTION' ? 1.4680  ? 121 ? f_angle_d          ? ? 
'X-RAY DIFFRACTION' ? 0.0946  ? 10  ? f_chiral_restr     ? ? 
'X-RAY DIFFRACTION' ? 0.0043  ? 15  ? f_plane_restr      ? ? 
'X-RAY DIFFRACTION' ? 21.0614 ? 13  ? f_dihedral_angle_d ? ? 
# 
loop_
_refine_ls_shell.pdbx_refine_id 
_refine_ls_shell.d_res_high 
_refine_ls_shell.d_res_low 
_refine_ls_shell.number_reflns_all 
_refine_ls_shell.number_reflns_obs 
_refine_ls_shell.number_reflns_R_free 
_refine_ls_shell.number_reflns_R_work 
_refine_ls_shell.percent_reflns_obs 
_refine_ls_shell.percent_reflns_R_free 
_refine_ls_shell.R_factor_all 
_refine_ls_shell.R_factor_obs 
_refine_ls_shell.R_factor_R_free_error 
_refine_ls_shell.R_factor_R_work 
_refine_ls_shell.redundancy_reflns_all 
_refine_ls_shell.redundancy_reflns_obs 
_refine_ls_shell.wR_factor_all 
_refine_ls_shell.wR_factor_obs 
_refine_ls_shell.wR_factor_R_free 
_refine_ls_shell.wR_factor_R_work 
_refine_ls_shell.pdbx_R_complete 
_refine_ls_shell.pdbx_total_number_of_bins_used 
_refine_ls_shell.pdbx_phase_error 
_refine_ls_shell.pdbx_fsc_work 
_refine_ls_shell.pdbx_fsc_free 
_refine_ls_shell.R_factor_R_free 
'X-RAY DIFFRACTION' 1.04 1.14  . . 134 1155 80.56 . . . . 0.2196 . . . . . . . . . . . 0.1930 
'X-RAY DIFFRACTION' 1.14 1.31  . . 157 1447 99.88 . . . . 0.1171 . . . . . . . . . . . 0.1374 
'X-RAY DIFFRACTION' 1.31 1.65  . . 166 1463 99.63 . . . . 0.0972 . . . . . . . . . . . 0.0993 
'X-RAY DIFFRACTION' 1.65 14.43 . . 162 1444 99.94 . . . . 0.0824 . . . . . . . . . . . 0.0950 
# 
_struct.entry_id                     9EG3 
_struct.title                        'Co-MAHF-9 A8H Metal Alpha-Helix Framework' 
_struct.pdbx_model_details           ? 
_struct.pdbx_formula_weight          ? 
_struct.pdbx_formula_weight_method   ? 
_struct.pdbx_model_type_details      ? 
_struct.pdbx_CASP_flag               N 
# 
_struct_keywords.entry_id        9EG3 
_struct_keywords.text            'synthetic construct, DE NOVO PROTEIN' 
_struct_keywords.pdbx_keywords   'DE NOVO PROTEIN' 
# 
loop_
_struct_asym.id 
_struct_asym.pdbx_blank_PDB_chainid_flag 
_struct_asym.pdbx_modified 
_struct_asym.entity_id 
_struct_asym.details 
A N N 1 ? 
B N N 2 ? 
C N N 3 ? 
D N N 4 ? 
# 
_struct_ref.id                         1 
_struct_ref.db_name                    PDB 
_struct_ref.db_code                    9EG3 
_struct_ref.pdbx_db_accession          9EG3 
_struct_ref.pdbx_db_isoform            ? 
_struct_ref.entity_id                  1 
_struct_ref.pdbx_seq_one_letter_code   ? 
_struct_ref.pdbx_align_begin           1 
# 
_struct_ref_seq.align_id                      1 
_struct_ref_seq.ref_id                        1 
_struct_ref_seq.pdbx_PDB_id_code              9EG3 
_struct_ref_seq.pdbx_strand_id                A 
_struct_ref_seq.seq_align_beg                 1 
_struct_ref_seq.pdbx_seq_align_beg_ins_code   ? 
_struct_ref_seq.seq_align_end                 11 
_struct_ref_seq.pdbx_seq_align_end_ins_code   ? 
_struct_ref_seq.pdbx_db_accession             9EG3 
_struct_ref_seq.db_align_beg                  1 
_struct_ref_seq.pdbx_db_align_beg_ins_code    ? 
_struct_ref_seq.db_align_end                  11 
_struct_ref_seq.pdbx_db_align_end_ins_code    ? 
_struct_ref_seq.pdbx_auth_seq_align_beg       1 
_struct_ref_seq.pdbx_auth_seq_align_end       11 
# 
_pdbx_struct_assembly.id                   1 
_pdbx_struct_assembly.details              author_and_software_defined_assembly 
_pdbx_struct_assembly.method_details       ? 
_pdbx_struct_assembly.oligomeric_details   monomeric 
_pdbx_struct_assembly.oligomeric_count     1 
# 
_pdbx_struct_assembly_gen.assembly_id       1 
_pdbx_struct_assembly_gen.oper_expression   1 
_pdbx_struct_assembly_gen.asym_id_list      A,B,C,D 
# 
_pdbx_struct_assembly_auth_evidence.id                     1 
_pdbx_struct_assembly_auth_evidence.assembly_id            1 
_pdbx_struct_assembly_auth_evidence.experimental_support   none 
_pdbx_struct_assembly_auth_evidence.details                ? 
# 
_pdbx_struct_oper_list.id                   1 
_pdbx_struct_oper_list.type                 'identity operation' 
_pdbx_struct_oper_list.name                 1_555 
_pdbx_struct_oper_list.symmetry_operation   x,y,z 
_pdbx_struct_oper_list.matrix[1][1]         1.0 
_pdbx_struct_oper_list.matrix[1][2]         0.0 
_pdbx_struct_oper_list.matrix[1][3]         0.0 
_pdbx_struct_oper_list.vector[1]            0.0 
_pdbx_struct_oper_list.matrix[2][1]         0.0 
_pdbx_struct_oper_list.matrix[2][2]         1.0 
_pdbx_struct_oper_list.matrix[2][3]         0.0 
_pdbx_struct_oper_list.vector[2]            0.0 
_pdbx_struct_oper_list.matrix[3][1]         0.0 
_pdbx_struct_oper_list.matrix[3][2]         0.0 
_pdbx_struct_oper_list.matrix[3][3]         1.0 
_pdbx_struct_oper_list.vector[3]            0.0 
# 
_struct_conf.conf_type_id            HELX_P 
_struct_conf.id                      HELX_P1 
_struct_conf.pdbx_PDB_helix_id       AA1 
_struct_conf.beg_label_comp_id       LEU 
_struct_conf.beg_label_asym_id       A 
_struct_conf.beg_label_seq_id        2 
_struct_conf.pdbx_beg_PDB_ins_code   ? 
_struct_conf.end_label_comp_id       LEU 
_struct_conf.end_label_asym_id       A 
_struct_conf.end_label_seq_id        10 
_struct_conf.pdbx_end_PDB_ins_code   ? 
_struct_conf.beg_auth_comp_id        LEU 
_struct_conf.beg_auth_asym_id        A 
_struct_conf.beg_auth_seq_id         2 
_struct_conf.end_auth_comp_id        LEU 
_struct_conf.end_auth_asym_id        A 
_struct_conf.end_auth_seq_id         10 
_struct_conf.pdbx_PDB_helix_class    1 
_struct_conf.details                 ? 
_struct_conf.pdbx_PDB_helix_length   9 
# 
_struct_conf_type.id          HELX_P 
_struct_conf_type.criteria    ? 
_struct_conf_type.reference   ? 
# 
loop_
_struct_conn.id 
_struct_conn.conn_type_id 
_struct_conn.pdbx_leaving_atom_flag 
_struct_conn.pdbx_PDB_id 
_struct_conn.ptnr1_label_asym_id 
_struct_conn.ptnr1_label_comp_id 
_struct_conn.ptnr1_label_seq_id 
_struct_conn.ptnr1_label_atom_id 
_struct_conn.pdbx_ptnr1_label_alt_id 
_struct_conn.pdbx_ptnr1_PDB_ins_code 
_struct_conn.pdbx_ptnr1_standard_comp_id 
_struct_conn.ptnr1_symmetry 
_struct_conn.ptnr2_label_asym_id 
_struct_conn.ptnr2_label_comp_id 
_struct_conn.ptnr2_label_seq_id 
_struct_conn.ptnr2_label_atom_id 
_struct_conn.pdbx_ptnr2_label_alt_id 
_struct_conn.pdbx_ptnr2_PDB_ins_code 
_struct_conn.ptnr1_auth_asym_id 
_struct_conn.ptnr1_auth_comp_id 
_struct_conn.ptnr1_auth_seq_id 
_struct_conn.ptnr2_auth_asym_id 
_struct_conn.ptnr2_auth_comp_id 
_struct_conn.ptnr2_auth_seq_id 
_struct_conn.ptnr2_symmetry 
_struct_conn.pdbx_ptnr3_label_atom_id 
_struct_conn.pdbx_ptnr3_label_seq_id 
_struct_conn.pdbx_ptnr3_label_comp_id 
_struct_conn.pdbx_ptnr3_label_asym_id 
_struct_conn.pdbx_ptnr3_label_alt_id 
_struct_conn.pdbx_ptnr3_PDB_ins_code 
_struct_conn.details 
_struct_conn.pdbx_dist_value 
_struct_conn.pdbx_value_order 
_struct_conn.pdbx_role 
covale1  covale both ? A ACE 1  C   ? ? ? 1_555 A LEU 2  N   ? ? A ACE 1   A LEU 2   1_555 ? ? ? ? ? ? ? 1.418 ? ? 
covale2  covale both ? A LEU 2  C   ? ? ? 1_555 A AIB 3  N   ? ? A LEU 2   A AIB 3   1_555 ? ? ? ? ? ? ? 1.328 ? ? 
covale3  covale both ? A AIB 3  C   ? ? ? 1_555 A GLU 4  N   A ? A AIB 3   A GLU 4   1_555 ? ? ? ? ? ? ? 1.330 ? ? 
covale4  covale both ? A AIB 3  C   ? ? ? 1_555 A GLU 4  N   B ? A AIB 3   A GLU 4   1_555 ? ? ? ? ? ? ? 1.326 ? ? 
covale5  covale both ? A GLU 4  C   A ? ? 1_555 A AIB 5  N   ? ? A GLU 4   A AIB 5   1_555 ? ? ? ? ? ? ? 1.325 ? ? 
covale6  covale both ? A GLU 4  C   B ? ? 1_555 A AIB 5  N   ? ? A GLU 4   A AIB 5   1_555 ? ? ? ? ? ? ? 1.330 ? ? 
covale7  covale both ? A AIB 5  C   ? ? ? 1_555 A LEU 6  N   ? ? A AIB 5   A LEU 6   1_555 ? ? ? ? ? ? ? 1.323 ? ? 
covale8  covale both ? A HIS 8  C   ? ? ? 1_555 A AIB 9  N   ? ? A HIS 8   A AIB 9   1_555 ? ? ? ? ? ? ? 1.330 ? ? 
covale9  covale both ? A AIB 9  C   ? ? ? 1_555 A LEU 10 N   ? ? A AIB 9   A LEU 10  1_555 ? ? ? ? ? ? ? 1.329 ? ? 
covale10 covale both ? A LEU 10 C   ? ? ? 1_555 A NH2 11 N   ? ? A LEU 10  A NH2 11  1_555 ? ? ? ? ? ? ? 1.424 ? ? 
metalc1  metalc ?    ? A HIS 7  NE2 ? ? ? 1_555 B CO  .  CO  ? ? A HIS 7   A CO  101 1_555 ? ? ? ? ? ? ? 2.063 ? ? 
metalc2  metalc ?    ? A HIS 7  NE2 ? ? ? 1_555 B CO  .  CO  ? ? A HIS 7   A CO  101 3_455 ? ? ? ? ? ? ? 2.063 ? ? 
metalc3  metalc ?    ? A HIS 8  NE2 ? ? ? 1_555 B CO  .  CO  ? ? A HIS 8   A CO  101 3_555 ? ? ? ? ? ? ? 2.138 ? ? 
metalc4  metalc ?    ? B CO  .  CO  ? ? ? 1_555 C ACT .  OXT ? ? A CO  101 A ACT 102 1_555 ? ? ? ? ? ? ? 2.029 ? ? 
metalc5  metalc ?    ? B CO  .  CO  ? ? ? 1_555 C ACT .  O   ? ? A CO  101 A ACT 102 1_555 ? ? ? ? ? ? ? 2.437 ? ? 
metalc6  metalc ?    ? B CO  .  CO  ? ? ? 1_555 C ACT .  O   ? ? A CO  101 A ACT 102 3_455 ? ? ? ? ? ? ? 2.437 ? ? 
metalc7  metalc ?    ? B CO  .  CO  ? ? ? 1_555 C ACT .  OXT ? ? A CO  101 A ACT 102 3_455 ? ? ? ? ? ? ? 2.029 ? ? 
# 
loop_
_struct_conn_type.id 
_struct_conn_type.criteria 
_struct_conn_type.reference 
covale ? ? 
metalc ? ? 
# 
loop_
_pdbx_struct_conn_angle.id 
_pdbx_struct_conn_angle.ptnr1_label_atom_id 
_pdbx_struct_conn_angle.ptnr1_label_alt_id 
_pdbx_struct_conn_angle.ptnr1_label_asym_id 
_pdbx_struct_conn_angle.ptnr1_label_comp_id 
_pdbx_struct_conn_angle.ptnr1_label_seq_id 
_pdbx_struct_conn_angle.ptnr1_auth_atom_id 
_pdbx_struct_conn_angle.ptnr1_auth_asym_id 
_pdbx_struct_conn_angle.ptnr1_auth_comp_id 
_pdbx_struct_conn_angle.ptnr1_auth_seq_id 
_pdbx_struct_conn_angle.ptnr1_PDB_ins_code 
_pdbx_struct_conn_angle.ptnr1_symmetry 
_pdbx_struct_conn_angle.ptnr2_label_atom_id 
_pdbx_struct_conn_angle.ptnr2_label_alt_id 
_pdbx_struct_conn_angle.ptnr2_label_asym_id 
_pdbx_struct_conn_angle.ptnr2_label_comp_id 
_pdbx_struct_conn_angle.ptnr2_label_seq_id 
_pdbx_struct_conn_angle.ptnr2_auth_atom_id 
_pdbx_struct_conn_angle.ptnr2_auth_asym_id 
_pdbx_struct_conn_angle.ptnr2_auth_comp_id 
_pdbx_struct_conn_angle.ptnr2_auth_seq_id 
_pdbx_struct_conn_angle.ptnr2_PDB_ins_code 
_pdbx_struct_conn_angle.ptnr2_symmetry 
_pdbx_struct_conn_angle.ptnr3_label_atom_id 
_pdbx_struct_conn_angle.ptnr3_label_alt_id 
_pdbx_struct_conn_angle.ptnr3_label_asym_id 
_pdbx_struct_conn_angle.ptnr3_label_comp_id 
_pdbx_struct_conn_angle.ptnr3_label_seq_id 
_pdbx_struct_conn_angle.ptnr3_auth_atom_id 
_pdbx_struct_conn_angle.ptnr3_auth_asym_id 
_pdbx_struct_conn_angle.ptnr3_auth_comp_id 
_pdbx_struct_conn_angle.ptnr3_auth_seq_id 
_pdbx_struct_conn_angle.ptnr3_PDB_ins_code 
_pdbx_struct_conn_angle.ptnr3_symmetry 
_pdbx_struct_conn_angle.value 
_pdbx_struct_conn_angle.value_esd 
1  NE2 ? A HIS 7 ? A HIS 7   ? 1_555 CO ? B CO . ? A CO 101 ? 1_555 NE2 ? A HIS 7 ? A HIS 7   ? 1_555 0.0   ? 
2  NE2 ? A HIS 7 ? A HIS 7   ? 1_555 CO ? B CO . ? A CO 101 ? 1_555 NE2 ? A HIS 8 ? A HIS 8   ? 1_555 34.1  ? 
3  NE2 ? A HIS 7 ? A HIS 7   ? 1_555 CO ? B CO . ? A CO 101 ? 1_555 NE2 ? A HIS 8 ? A HIS 8   ? 1_555 34.1  ? 
4  NE2 ? A HIS 7 ? A HIS 7   ? 1_555 CO ? B CO . ? A CO 101 ? 1_555 OXT ? C ACT . ? A ACT 102 ? 1_555 155.0 ? 
5  NE2 ? A HIS 7 ? A HIS 7   ? 1_555 CO ? B CO . ? A CO 101 ? 1_555 OXT ? C ACT . ? A ACT 102 ? 1_555 155.0 ? 
6  NE2 ? A HIS 8 ? A HIS 8   ? 1_555 CO ? B CO . ? A CO 101 ? 1_555 OXT ? C ACT . ? A ACT 102 ? 1_555 121.5 ? 
7  NE2 ? A HIS 7 ? A HIS 7   ? 1_555 CO ? B CO . ? A CO 101 ? 1_555 O   ? C ACT . ? A ACT 102 ? 1_555 95.0  ? 
8  NE2 ? A HIS 7 ? A HIS 7   ? 1_555 CO ? B CO . ? A CO 101 ? 1_555 O   ? C ACT . ? A ACT 102 ? 1_555 95.0  ? 
9  NE2 ? A HIS 8 ? A HIS 8   ? 1_555 CO ? B CO . ? A CO 101 ? 1_555 O   ? C ACT . ? A ACT 102 ? 1_555 61.5  ? 
10 OXT ? C ACT . ? A ACT 102 ? 1_555 CO ? B CO . ? A CO 101 ? 1_555 O   ? C ACT . ? A ACT 102 ? 1_555 60.1  ? 
11 NE2 ? A HIS 7 ? A HIS 7   ? 1_555 CO ? B CO . ? A CO 101 ? 1_555 O   ? C ACT . ? A ACT 102 ? 3_455 151.8 ? 
12 NE2 ? A HIS 7 ? A HIS 7   ? 1_555 CO ? B CO . ? A CO 101 ? 1_555 O   ? C ACT . ? A ACT 102 ? 3_455 151.8 ? 
13 NE2 ? A HIS 8 ? A HIS 8   ? 1_555 CO ? B CO . ? A CO 101 ? 1_555 O   ? C ACT . ? A ACT 102 ? 3_455 119.1 ? 
14 OXT ? C ACT . ? A ACT 102 ? 1_555 CO ? B CO . ? A CO 101 ? 1_555 O   ? C ACT . ? A ACT 102 ? 3_455 4.5   ? 
15 O   ? C ACT . ? A ACT 102 ? 1_555 CO ? B CO . ? A CO 101 ? 1_555 O   ? C ACT . ? A ACT 102 ? 3_455 57.7  ? 
16 NE2 ? A HIS 7 ? A HIS 7   ? 1_555 CO ? B CO . ? A CO 101 ? 1_555 OXT ? C ACT . ? A ACT 102 ? 3_455 92.2  ? 
17 NE2 ? A HIS 7 ? A HIS 7   ? 1_555 CO ? B CO . ? A CO 101 ? 1_555 OXT ? C ACT . ? A ACT 102 ? 3_455 92.2  ? 
18 NE2 ? A HIS 8 ? A HIS 8   ? 1_555 CO ? B CO . ? A CO 101 ? 1_555 OXT ? C ACT . ? A ACT 102 ? 3_455 59.1  ? 
19 OXT ? C ACT . ? A ACT 102 ? 1_555 CO ? B CO . ? A CO 101 ? 1_555 OXT ? C ACT . ? A ACT 102 ? 3_455 62.8  ? 
20 O   ? C ACT . ? A ACT 102 ? 1_555 CO ? B CO . ? A CO 101 ? 1_555 OXT ? C ACT . ? A ACT 102 ? 3_455 4.5   ? 
21 O   ? C ACT . ? A ACT 102 ? 3_455 CO ? B CO . ? A CO 101 ? 1_555 OXT ? C ACT . ? A ACT 102 ? 3_455 60.1  ? 
# 
loop_
_pdbx_modification_feature.ordinal 
_pdbx_modification_feature.label_comp_id 
_pdbx_modification_feature.label_asym_id 
_pdbx_modification_feature.label_seq_id 
_pdbx_modification_feature.label_alt_id 
_pdbx_modification_feature.modified_residue_label_comp_id 
_pdbx_modification_feature.modified_residue_label_asym_id 
_pdbx_modification_feature.modified_residue_label_seq_id 
_pdbx_modification_feature.modified_residue_label_alt_id 
_pdbx_modification_feature.auth_comp_id 
_pdbx_modification_feature.auth_asym_id 
_pdbx_modification_feature.auth_seq_id 
_pdbx_modification_feature.PDB_ins_code 
_pdbx_modification_feature.symmetry 
_pdbx_modification_feature.modified_residue_auth_comp_id 
_pdbx_modification_feature.modified_residue_auth_asym_id 
_pdbx_modification_feature.modified_residue_auth_seq_id 
_pdbx_modification_feature.modified_residue_PDB_ins_code 
_pdbx_modification_feature.modified_residue_symmetry 
_pdbx_modification_feature.comp_id_linking_atom 
_pdbx_modification_feature.modified_residue_id_linking_atom 
_pdbx_modification_feature.modified_residue_id 
_pdbx_modification_feature.ref_pcm_id 
_pdbx_modification_feature.ref_comp_id 
_pdbx_modification_feature.type 
_pdbx_modification_feature.category 
1 AIB A 3  ? .   . .  . AIB A 3  ? 1_555 .   . .  . .     . . ALA 1  AIB Methylation 'Named protein modification' 
2 AIB A 5  ? .   . .  . AIB A 5  ? 1_555 .   . .  . .     . . ALA 1  AIB Methylation 'Named protein modification' 
3 AIB A 9  ? .   . .  . AIB A 9  ? 1_555 .   . .  . .     . . ALA 1  AIB Methylation 'Named protein modification' 
4 ACE A 1  ? LEU A 2  ? ACE A 1  ? 1_555 LEU A 2  ? 1_555 . . LEU 14 ACE None        'Terminal acetylation'       
5 NH2 A 11 ? LEU A 10 ? NH2 A 11 ? 1_555 LEU A 10 ? 1_555 . . LEU 14 NH2 None        'Terminal amidation'         
# 
_pdbx_entry_details.entry_id                   9EG3 
_pdbx_entry_details.nonpolymer_details         ? 
_pdbx_entry_details.sequence_details           ? 
_pdbx_entry_details.compound_details           ? 
_pdbx_entry_details.source_details             ? 
_pdbx_entry_details.has_ligand_of_interest     N 
_pdbx_entry_details.has_protein_modification   Y 
# 
_pdbx_validate_symm_contact.id                1 
_pdbx_validate_symm_contact.PDB_model_num     1 
_pdbx_validate_symm_contact.auth_atom_id_1    O 
_pdbx_validate_symm_contact.auth_asym_id_1    A 
_pdbx_validate_symm_contact.auth_comp_id_1    HOH 
_pdbx_validate_symm_contact.auth_seq_id_1     208 
_pdbx_validate_symm_contact.PDB_ins_code_1    ? 
_pdbx_validate_symm_contact.label_alt_id_1    ? 
_pdbx_validate_symm_contact.site_symmetry_1   1_555 
_pdbx_validate_symm_contact.auth_atom_id_2    O 
_pdbx_validate_symm_contact.auth_asym_id_2    A 
_pdbx_validate_symm_contact.auth_comp_id_2    HOH 
_pdbx_validate_symm_contact.auth_seq_id_2     208 
_pdbx_validate_symm_contact.PDB_ins_code_2    ? 
_pdbx_validate_symm_contact.label_alt_id_2    ? 
_pdbx_validate_symm_contact.site_symmetry_2   3_555 
_pdbx_validate_symm_contact.dist              1.80 
# 
loop_
_pdbx_struct_special_symmetry.id 
_pdbx_struct_special_symmetry.PDB_model_num 
_pdbx_struct_special_symmetry.auth_asym_id 
_pdbx_struct_special_symmetry.auth_comp_id 
_pdbx_struct_special_symmetry.auth_seq_id 
_pdbx_struct_special_symmetry.PDB_ins_code 
_pdbx_struct_special_symmetry.label_asym_id 
_pdbx_struct_special_symmetry.label_comp_id 
_pdbx_struct_special_symmetry.label_seq_id 
1 1 A CO  101 ? B CO  . 
2 1 A ACT 102 ? C ACT . 
3 1 A HOH 205 ? D HOH . 
# 
loop_
_space_group_symop.id 
_space_group_symop.operation_xyz 
1 x,y,z               
2 x,-y,-z             
3 -x,y,-z+1/2         
4 -x,-y,z+1/2         
5 x+1/2,y+1/2,z       
6 x+1/2,-y+1/2,-z     
7 -x+1/2,y+1/2,-z+1/2 
8 -x+1/2,-y+1/2,z+1/2 
# 
loop_
_chem_comp_atom.comp_id 
_chem_comp_atom.atom_id 
_chem_comp_atom.type_symbol 
_chem_comp_atom.pdbx_aromatic_flag 
_chem_comp_atom.pdbx_stereo_config 
_chem_comp_atom.pdbx_ordinal 
ACE C    C  N N 1  
ACE O    O  N N 2  
ACE CH3  C  N N 3  
ACE H    H  N N 4  
ACE H1   H  N N 5  
ACE H2   H  N N 6  
ACE H3   H  N N 7  
ACT C    C  N N 8  
ACT O    O  N N 9  
ACT OXT  O  N N 10 
ACT CH3  C  N N 11 
ACT H1   H  N N 12 
ACT H2   H  N N 13 
ACT H3   H  N N 14 
AIB N    N  N N 15 
AIB CA   C  N N 16 
AIB C    C  N N 17 
AIB O    O  N N 18 
AIB OXT  O  N N 19 
AIB CB1  C  N N 20 
AIB CB2  C  N N 21 
AIB H    H  N N 22 
AIB H2   H  N N 23 
AIB HXT  H  N N 24 
AIB HB11 H  N N 25 
AIB HB12 H  N N 26 
AIB HB13 H  N N 27 
AIB HB21 H  N N 28 
AIB HB22 H  N N 29 
AIB HB23 H  N N 30 
CO  CO   CO N N 31 
GLU N    N  N N 32 
GLU CA   C  N S 33 
GLU C    C  N N 34 
GLU O    O  N N 35 
GLU CB   C  N N 36 
GLU CG   C  N N 37 
GLU CD   C  N N 38 
GLU OE1  O  N N 39 
GLU OE2  O  N N 40 
GLU OXT  O  N N 41 
GLU H    H  N N 42 
GLU H2   H  N N 43 
GLU HA   H  N N 44 
GLU HB2  H  N N 45 
GLU HB3  H  N N 46 
GLU HG2  H  N N 47 
GLU HG3  H  N N 48 
GLU HE2  H  N N 49 
GLU HXT  H  N N 50 
HIS N    N  N N 51 
HIS CA   C  N S 52 
HIS C    C  N N 53 
HIS O    O  N N 54 
HIS CB   C  N N 55 
HIS CG   C  Y N 56 
HIS ND1  N  Y N 57 
HIS CD2  C  Y N 58 
HIS CE1  C  Y N 59 
HIS NE2  N  Y N 60 
HIS OXT  O  N N 61 
HIS H    H  N N 62 
HIS H2   H  N N 63 
HIS HA   H  N N 64 
HIS HB2  H  N N 65 
HIS HB3  H  N N 66 
HIS HD1  H  N N 67 
HIS HD2  H  N N 68 
HIS HE1  H  N N 69 
HIS HE2  H  N N 70 
HIS HXT  H  N N 71 
HOH O    O  N N 72 
HOH H1   H  N N 73 
HOH H2   H  N N 74 
LEU N    N  N N 75 
LEU CA   C  N S 76 
LEU C    C  N N 77 
LEU O    O  N N 78 
LEU CB   C  N N 79 
LEU CG   C  N N 80 
LEU CD1  C  N N 81 
LEU CD2  C  N N 82 
LEU OXT  O  N N 83 
LEU H    H  N N 84 
LEU H2   H  N N 85 
LEU HA   H  N N 86 
LEU HB2  H  N N 87 
LEU HB3  H  N N 88 
LEU HG   H  N N 89 
LEU HD11 H  N N 90 
LEU HD12 H  N N 91 
LEU HD13 H  N N 92 
LEU HD21 H  N N 93 
LEU HD22 H  N N 94 
LEU HD23 H  N N 95 
LEU HXT  H  N N 96 
NH2 N    N  N N 97 
NH2 HN1  H  N N 98 
NH2 HN2  H  N N 99 
# 
loop_
_chem_comp_bond.comp_id 
_chem_comp_bond.atom_id_1 
_chem_comp_bond.atom_id_2 
_chem_comp_bond.value_order 
_chem_comp_bond.pdbx_aromatic_flag 
_chem_comp_bond.pdbx_stereo_config 
_chem_comp_bond.pdbx_ordinal 
ACE C   O    doub N N 1  
ACE C   CH3  sing N N 2  
ACE C   H    sing N N 3  
ACE CH3 H1   sing N N 4  
ACE CH3 H2   sing N N 5  
ACE CH3 H3   sing N N 6  
ACT C   O    doub N N 7  
ACT C   OXT  sing N N 8  
ACT C   CH3  sing N N 9  
ACT CH3 H1   sing N N 10 
ACT CH3 H2   sing N N 11 
ACT CH3 H3   sing N N 12 
AIB N   CA   sing N N 13 
AIB N   H    sing N N 14 
AIB N   H2   sing N N 15 
AIB CA  C    sing N N 16 
AIB CA  CB1  sing N N 17 
AIB CA  CB2  sing N N 18 
AIB C   O    doub N N 19 
AIB C   OXT  sing N N 20 
AIB OXT HXT  sing N N 21 
AIB CB1 HB11 sing N N 22 
AIB CB1 HB12 sing N N 23 
AIB CB1 HB13 sing N N 24 
AIB CB2 HB21 sing N N 25 
AIB CB2 HB22 sing N N 26 
AIB CB2 HB23 sing N N 27 
GLU N   CA   sing N N 28 
GLU N   H    sing N N 29 
GLU N   H2   sing N N 30 
GLU CA  C    sing N N 31 
GLU CA  CB   sing N N 32 
GLU CA  HA   sing N N 33 
GLU C   O    doub N N 34 
GLU C   OXT  sing N N 35 
GLU CB  CG   sing N N 36 
GLU CB  HB2  sing N N 37 
GLU CB  HB3  sing N N 38 
GLU CG  CD   sing N N 39 
GLU CG  HG2  sing N N 40 
GLU CG  HG3  sing N N 41 
GLU CD  OE1  doub N N 42 
GLU CD  OE2  sing N N 43 
GLU OE2 HE2  sing N N 44 
GLU OXT HXT  sing N N 45 
HIS N   CA   sing N N 46 
HIS N   H    sing N N 47 
HIS N   H2   sing N N 48 
HIS CA  C    sing N N 49 
HIS CA  CB   sing N N 50 
HIS CA  HA   sing N N 51 
HIS C   O    doub N N 52 
HIS C   OXT  sing N N 53 
HIS CB  CG   sing N N 54 
HIS CB  HB2  sing N N 55 
HIS CB  HB3  sing N N 56 
HIS CG  ND1  sing Y N 57 
HIS CG  CD2  doub Y N 58 
HIS ND1 CE1  doub Y N 59 
HIS ND1 HD1  sing N N 60 
HIS CD2 NE2  sing Y N 61 
HIS CD2 HD2  sing N N 62 
HIS CE1 NE2  sing Y N 63 
HIS CE1 HE1  sing N N 64 
HIS NE2 HE2  sing N N 65 
HIS OXT HXT  sing N N 66 
HOH O   H1   sing N N 67 
HOH O   H2   sing N N 68 
LEU N   CA   sing N N 69 
LEU N   H    sing N N 70 
LEU N   H2   sing N N 71 
LEU CA  C    sing N N 72 
LEU CA  CB   sing N N 73 
LEU CA  HA   sing N N 74 
LEU C   O    doub N N 75 
LEU C   OXT  sing N N 76 
LEU CB  CG   sing N N 77 
LEU CB  HB2  sing N N 78 
LEU CB  HB3  sing N N 79 
LEU CG  CD1  sing N N 80 
LEU CG  CD2  sing N N 81 
LEU CG  HG   sing N N 82 
LEU CD1 HD11 sing N N 83 
LEU CD1 HD12 sing N N 84 
LEU CD1 HD13 sing N N 85 
LEU CD2 HD21 sing N N 86 
LEU CD2 HD22 sing N N 87 
LEU CD2 HD23 sing N N 88 
LEU OXT HXT  sing N N 89 
NH2 N   HN1  sing N N 90 
NH2 N   HN2  sing N N 91 
# 
loop_
_pdbx_audit_support.funding_organization 
_pdbx_audit_support.country 
_pdbx_audit_support.grant_number 
_pdbx_audit_support.ordinal 
'National Institutes of Health/National Institute of General Medical Sciences (NIH/NIGMS)' 'United States' 1R35GM15479301    1 
'Department of Energy (DOE, United States)'                                                'United States' DE-AC02-06CH11357 2 
# 
_pdbx_initial_refinement_model.id               1 
_pdbx_initial_refinement_model.entity_id_list   ? 
_pdbx_initial_refinement_model.type             'experimental model' 
_pdbx_initial_refinement_model.source_name      PDB 
_pdbx_initial_refinement_model.accession_code   7TLS 
_pdbx_initial_refinement_model.details          ? 
# 
_space_group.name_H-M_alt     'C 2 2 21' 
_space_group.name_Hall        'C 2c 2' 
_space_group.IT_number        20 
_space_group.crystal_system   orthorhombic 
_space_group.id               1 
# 
_atom_sites.entry_id                    9EG3 
_atom_sites.Cartn_transf_matrix[1][1]   ? 
_atom_sites.Cartn_transf_matrix[1][2]   ? 
_atom_sites.Cartn_transf_matrix[1][3]   ? 
_atom_sites.Cartn_transf_matrix[2][1]   ? 
_atom_sites.Cartn_transf_matrix[2][2]   ? 
_atom_sites.Cartn_transf_matrix[2][3]   ? 
_atom_sites.Cartn_transf_matrix[3][1]   ? 
_atom_sites.Cartn_transf_matrix[3][2]   ? 
_atom_sites.Cartn_transf_matrix[3][3]   ? 
_atom_sites.Cartn_transf_vector[1]      ? 
_atom_sites.Cartn_transf_vector[2]      ? 
_atom_sites.Cartn_transf_vector[3]      ? 
_atom_sites.Cartn_transform_axes        ? 
_atom_sites.fract_transf_matrix[1][1]   -0.00338474 
_atom_sites.fract_transf_matrix[1][2]   -0.06916579 
_atom_sites.fract_transf_matrix[1][3]   0.05847822 
_atom_sites.fract_transf_matrix[2][1]   0.02749327 
_atom_sites.fract_transf_matrix[2][2]   0.01026127 
_atom_sites.fract_transf_matrix[2][3]   0.01372796 
_atom_sites.fract_transf_matrix[3][1]   -0.01300145 
_atom_sites.fract_transf_matrix[3][2]   0.01387956 
_atom_sites.fract_transf_matrix[3][3]   0.01566369 
_atom_sites.fract_transf_vector[1]      -0.048746 
_atom_sites.fract_transf_vector[2]      -0.077703 
_atom_sites.fract_transf_vector[3]      0.108023 
_atom_sites.solution_primary            ? 
_atom_sites.solution_secondary          ? 
_atom_sites.solution_hydrogens          ? 
_atom_sites.special_details             ? 
# 
loop_
_atom_type.symbol 
_atom_type.scat_dispersion_real 
_atom_type.scat_dispersion_imag 
_atom_type.scat_Cromer_Mann_a1 
_atom_type.scat_Cromer_Mann_a2 
_atom_type.scat_Cromer_Mann_a3 
_atom_type.scat_Cromer_Mann_a4 
_atom_type.scat_Cromer_Mann_b1 
_atom_type.scat_Cromer_Mann_b2 
_atom_type.scat_Cromer_Mann_b3 
_atom_type.scat_Cromer_Mann_b4 
_atom_type.scat_Cromer_Mann_c 
_atom_type.scat_source 
_atom_type.scat_dispersion_source 
C  ? ? 3.54356  2.42580 ?       ? 25.62398 1.50364  ?        ? 0.0 
;2-Gaussian fit: Grosse-Kunstleve RW, Sauter NK, Adams PD: Newsletter of the IUCr Commission on Crystallographic Computing 2004, 3, 22-31.
;
? 
CO ? ? 14.25116 9.13684 3.55259 ? 5.36759  0.30544  48.44770 ? 0.0 
;3-Gaussian fit: Grosse-Kunstleve RW, Sauter NK, Adams PD: Newsletter of the IUCr Commission on Crystallographic Computing 2004, 3, 22-31.
;
? 
H  ? ? 0.53795  0.34799 0.11320 ? 10.08003 29.74760 2.57510  ? 0.0 
;3-Gaussian fit: Grosse-Kunstleve RW, Sauter NK, Adams PD: Newsletter of the IUCr Commission on Crystallographic Computing 2004, 3, 22-31.
;
? 
N  ? ? 4.01032  2.96436 ?       ? 19.97189 1.75589  ?        ? 0.0 
;2-Gaussian fit: Grosse-Kunstleve RW, Sauter NK, Adams PD: Newsletter of the IUCr Commission on Crystallographic Computing 2004, 3, 22-31.
;
? 
O  ? ? 4.49882  3.47563 ?       ? 15.80542 1.70748  ?        ? 0.0 
;2-Gaussian fit: Grosse-Kunstleve RW, Sauter NK, Adams PD: Newsletter of the IUCr Commission on Crystallographic Computing 2004, 3, 22-31.
;
? 
# 
loop_
_atom_site.group_PDB 
_atom_site.id 
_atom_site.type_symbol 
_atom_site.label_atom_id 
_atom_site.label_alt_id 
_atom_site.label_comp_id 
_atom_site.label_asym_id 
_atom_site.label_entity_id 
_atom_site.label_seq_id 
_atom_site.pdbx_PDB_ins_code 
_atom_site.Cartn_x 
_atom_site.Cartn_y 
_atom_site.Cartn_z 
_atom_site.occupancy 
_atom_site.B_iso_or_equiv 
_atom_site.pdbx_formal_charge 
_atom_site.auth_seq_id 
_atom_site.auth_comp_id 
_atom_site.auth_asym_id 
_atom_site.auth_atom_id 
_atom_site.pdbx_PDB_model_num 
HETATM 1   C  C    . ACE A 1 1  ? -4.66083 -2.02077 -4.02126 1.000 6.26079  ? 1   ACE A C    1 
HETATM 2   O  O    . ACE A 1 1  ? -3.86278 -2.14810 -3.10959 1.000 6.47255  ? 1   ACE A O    1 
HETATM 3   C  CH3  . ACE A 1 1  ? -6.01259 -2.67932 -4.05046 1.000 8.25888  ? 1   ACE A CH3  1 
HETATM 4   H  H1   . ACE A 1 1  ? -6.54833 -2.38925 -3.29564 1.000 9.91066  ? 1   ACE A H1   1 
HETATM 5   H  H2   . ACE A 1 1  ? -5.92157 -3.64414 -4.00881 1.000 9.91066  ? 1   ACE A H2   1 
HETATM 6   H  H3   . ACE A 1 1  ? -6.48430 -2.45103 -4.86672 1.000 9.91066  ? 1   ACE A H3   1 
ATOM   7   N  N    . LEU A 1 2  ? -4.36881 -1.22011 -5.15430 1.000 5.56666  ? 2   LEU A N    1 
ATOM   8   C  CA   . LEU A 1 2  ? -3.04074 -0.66959 -5.31401 1.000 5.86624  ? 2   LEU A CA   1 
ATOM   9   C  C    . LEU A 1 2  ? -2.68598 0.27759  -4.16934 1.000 5.63622  ? 2   LEU A C    1 
ATOM   10  O  O    . LEU A 1 2  ? -1.60745 0.16748  -3.58172 1.000 5.78773  ? 2   LEU A O    1 
ATOM   11  C  CB   . LEU A 1 2  ? -2.99174 0.07059  -6.63850 1.000 6.73370  ? 2   LEU A CB   1 
ATOM   12  C  CG   . LEU A 1 2  ? -1.68199 0.76430  -6.97817 1.000 8.24848  ? 2   LEU A CG   1 
ATOM   13  C  CD1  . LEU A 1 2  ? -0.52929 -0.22831 -6.98459 1.000 10.02030 ? 2   LEU A CD1  1 
ATOM   14  C  CD2  . LEU A 1 2  ? -1.82462 1.45321  -8.33579 1.000 9.08184  ? 2   LEU A CD2  1 
ATOM   15  H  H    . LEU A 1 2  ? -4.88758 -1.10260 -5.83364 1.000 6.68000  ? 2   LEU A H    1 
ATOM   16  H  HA   . LEU A 1 2  ? -2.37994 -1.37967 -5.30848 1.000 7.03949  ? 2   LEU A HA   1 
ATOM   17  H  HB2  . LEU A 1 2  ? -3.16827 -0.56830 -7.34670 1.000 8.08044  ? 2   LEU A HB2  1 
ATOM   18  H  HB3  . LEU A 1 2  ? -3.68138 0.75263  -6.62749 1.000 8.08044  ? 2   LEU A HB3  1 
ATOM   19  H  HG   . LEU A 1 2  ? -1.47466 1.43254  -6.30632 1.000 9.89818  ? 2   LEU A HG   1 
ATOM   20  H  HD11 . LEU A 1 2  ? 0.26337  0.21045  -7.33112 1.000 12.02436 ? 2   LEU A HD11 1 
ATOM   21  H  HD12 . LEU A 1 2  ? -0.36924 -0.53229 -6.07747 1.000 12.02436 ? 2   LEU A HD12 1 
ATOM   22  H  HD13 . LEU A 1 2  ? -0.76409 -0.98131 -7.54919 1.000 12.02436 ? 2   LEU A HD13 1 
ATOM   23  H  HD21 . LEU A 1 2  ? -0.99312 1.90457  -8.54980 1.000 10.89821 ? 2   LEU A HD21 1 
ATOM   24  H  HD22 . LEU A 1 2  ? -2.02100 0.78432  -9.01027 1.000 10.89821 ? 2   LEU A HD22 1 
ATOM   25  H  HD23 . LEU A 1 2  ? -2.54810 2.09759  -8.28848 1.000 10.89821 ? 2   LEU A HD23 1 
HETATM 26  N  N    . AIB A 1 3  ? -3.56752 1.22367  -3.86678 1.000 6.29324  ? 3   AIB A N    1 
HETATM 27  C  CA   . AIB A 1 3  ? -3.28741 2.21244  -2.83968 1.000 6.81658  ? 3   AIB A CA   1 
HETATM 28  C  C    . AIB A 1 3  ? -2.93789 1.51533  -1.51583 1.000 6.40373  ? 3   AIB A C    1 
HETATM 29  O  O    . AIB A 1 3  ? -1.98579 1.82859  -0.80950 1.000 6.49547  ? 3   AIB A O    1 
HETATM 30  C  CB1  . AIB A 1 3  ? -2.11026 3.10883  -3.27163 1.000 7.92921  ? 3   AIB A CB1  1 
HETATM 31  C  CB2  . AIB A 1 3  ? -4.53810 3.07142  -2.59221 1.000 7.90682  ? 3   AIB A CB2  1 
HETATM 32  H  H    . AIB A 1 3  ? -4.55289 1.15292  -4.02815 1.000 7.55189  ? 3   AIB A H    1 
HETATM 33  H  HB11 . AIB A 1 3  ? -2.39313 3.68869  -4.18224 1.000 9.51505  ? 3   AIB A HB11 1 
HETATM 34  H  HB12 . AIB A 1 3  ? -1.21977 2.47632  -3.50052 1.000 9.51505  ? 3   AIB A HB12 1 
HETATM 35  H  HB13 . AIB A 1 3  ? -1.85556 3.81816  -2.44857 1.000 9.51505  ? 3   AIB A HB13 1 
HETATM 36  H  HB21 . AIB A 1 3  ? -4.32452 3.79889  -1.77192 1.000 9.48818  ? 3   AIB A HB21 1 
HETATM 37  H  HB22 . AIB A 1 3  ? -5.38555 2.40570  -2.29838 1.000 9.48818  ? 3   AIB A HB22 1 
HETATM 38  H  HB23 . AIB A 1 3  ? -4.79451 3.62113  -3.53017 1.000 9.48818  ? 3   AIB A HB23 1 
ATOM   39  N  N    A GLU A 1 4  ? -3.75448 0.51867  -1.18792 0.523 6.23482  ? 4   GLU A N    1 
ATOM   40  N  N    B GLU A 1 4  ? -3.76216 0.52947  -1.18883 0.477 6.59701  ? 4   GLU A N    1 
ATOM   41  C  CA   A GLU A 1 4  ? -3.59337 -0.23576 0.04258  0.523 6.99516  ? 4   GLU A CA   1 
ATOM   42  C  CA   B GLU A 1 4  ? -3.61652 -0.20935 0.04763  0.477 7.69369  ? 4   GLU A CA   1 
ATOM   43  C  C    A GLU A 1 4  ? -2.24588 -0.93588 0.05313  0.523 6.45844  ? 4   GLU A C    1 
ATOM   44  C  C    B GLU A 1 4  ? -2.29489 -0.99405 0.08259  0.477 6.79996  ? 4   GLU A C    1 
ATOM   45  O  O    A GLU A 1 4  ? -1.47478 -0.82210 1.00769  0.523 7.07739  ? 4   GLU A O    1 
ATOM   46  O  O    B GLU A 1 4  ? -1.58403 -0.98498 1.09173  0.477 6.74633  ? 4   GLU A O    1 
ATOM   47  C  CB   A GLU A 1 4  ? -4.72829 -1.25479 0.17878  0.523 9.13683  ? 4   GLU A CB   1 
ATOM   48  C  CB   B GLU A 1 4  ? -4.83489 -1.12236 0.24546  0.477 10.50484 ? 4   GLU A CB   1 
ATOM   49  C  CG   A GLU A 1 4  ? -4.54460 -2.25591 1.30775  0.523 11.67598 ? 4   GLU A CG   1 
ATOM   50  C  CG   B GLU A 1 4  ? -6.17869 -0.39585 0.56578  0.477 13.46177 ? 4   GLU A CG   1 
ATOM   51  C  CD   A GLU A 1 4  ? -5.52293 -3.39864 1.23120  0.523 13.71456 ? 4   GLU A CD   1 
ATOM   52  C  CD   B GLU A 1 4  ? -6.75874 0.45126  -0.57940 0.477 15.88721 ? 4   GLU A CD   1 
ATOM   53  O  OE1  A GLU A 1 4  ? -6.72223 -3.17038 1.49233  0.523 14.61067 ? 4   GLU A OE1  1 
ATOM   54  O  OE1  B GLU A 1 4  ? -6.61755 0.05027  -1.75665 0.477 15.65049 ? 4   GLU A OE1  1 
ATOM   55  O  OE2  A GLU A 1 4  ? -5.09065 -4.52858 0.92076  0.523 14.76585 ? 4   GLU A OE2  1 
ATOM   56  O  OE2  B GLU A 1 4  ? -7.42111 1.48858  -0.28401 0.477 16.39259 ? 4   GLU A OE2  1 
ATOM   57  H  H    A GLU A 1 4  ? -4.41757 0.25892  -1.67005 0.523 7.48179  ? 4   GLU A H    1 
ATOM   58  H  H    B GLU A 1 4  ? -4.42158 0.26851  -1.67531 0.477 7.91641  ? 4   GLU A H    1 
ATOM   59  H  HA   A GLU A 1 4  ? -3.63148 0.35901  0.80789  0.523 8.39419  ? 4   GLU A HA   1 
ATOM   60  H  HA   B GLU A 1 4  ? -3.58378 0.40243  0.79966  0.477 9.23243  ? 4   GLU A HA   1 
ATOM   61  H  HB2  A GLU A 1 4  ? -5.55543 -0.77571 0.34376  0.523 10.96420 ? 4   GLU A HB2  1 
ATOM   62  H  HB2  B GLU A 1 4  ? -4.96960 -1.63107 -0.56939 0.477 12.60581 ? 4   GLU A HB2  1 
ATOM   63  H  HB3  A GLU A 1 4  ? -4.79455 -1.75582 -0.64916 0.523 10.96420 ? 4   GLU A HB3  1 
ATOM   64  H  HB3  B GLU A 1 4  ? -4.64872 -1.72261 0.98434  0.477 12.60581 ? 4   GLU A HB3  1 
ATOM   65  H  HG2  A GLU A 1 4  ? -3.64821 -2.62377 1.26239  0.523 14.01117 ? 4   GLU A HG2  1 
ATOM   66  H  HG2  B GLU A 1 4  ? -6.84196 -1.06583 0.79402  0.477 16.15412 ? 4   GLU A HG2  1 
ATOM   67  H  HG3  A GLU A 1 4  ? -4.67533 -1.80429 2.15618  0.523 14.01117 ? 4   GLU A HG3  1 
ATOM   68  H  HG3  B GLU A 1 4  ? -6.03370 0.19762  1.31923  0.477 16.15412 ? 4   GLU A HG3  1 
HETATM 69  N  N    . AIB A 1 5  ? -1.96492 -1.66462 -1.01748 1.000 6.69044  ? 5   AIB A N    1 
HETATM 70  C  CA   . AIB A 1 5  ? -0.72737 -2.40198 -1.12815 1.000 7.17327  ? 5   AIB A CA   1 
HETATM 71  C  C    . AIB A 1 5  ? 0.47977  -1.50334 -0.83180 1.000 7.36837  ? 5   AIB A C    1 
HETATM 72  O  O    . AIB A 1 5  ? 1.39400  -1.81258 -0.07572 1.000 8.51254  ? 5   AIB A O    1 
HETATM 73  C  CB1  . AIB A 1 5  ? -0.67729 -3.60049 -0.16837 1.000 9.39227  ? 5   AIB A CB1  1 
HETATM 74  C  CB2  . AIB A 1 5  ? -0.58858 -2.94024 -2.55983 1.000 8.83753  ? 5   AIB A CB2  1 
HETATM 75  H  H    . AIB A 1 5  ? -2.36129 -1.51239 -1.92397 1.000 8.02853  ? 5   AIB A H    1 
HETATM 76  H  HB11 . AIB A 1 5  ? -1.50452 -4.30999 -0.40873 1.000 11.27073 ? 5   AIB A HB11 1 
HETATM 77  H  HB12 . AIB A 1 5  ? -0.79156 -3.24540 0.88344  1.000 11.27073 ? 5   AIB A HB12 1 
HETATM 78  H  HB13 . AIB A 1 5  ? 0.30099  -4.12696 -0.27439 1.000 11.27073 ? 5   AIB A HB13 1 
HETATM 79  H  HB21 . AIB A 1 5  ? -1.46272 -3.59678 -2.78903 1.000 10.60503 ? 5   AIB A HB21 1 
HETATM 80  H  HB22 . AIB A 1 5  ? 0.35839  -3.52738 -2.63857 1.000 10.60503 ? 5   AIB A HB22 1 
HETATM 81  H  HB23 . AIB A 1 5  ? -0.56252 -2.08010 -3.27198 1.000 10.60503 ? 5   AIB A HB23 1 
ATOM   82  N  N    . LEU A 1 6  ? 0.45222  -0.32801 -1.43831 1.000 6.63184  ? 6   LEU A N    1 
ATOM   83  C  CA   . LEU A 1 6  ? 1.57536  0.58760  -1.31102 1.000 7.81785  ? 6   LEU A CA   1 
ATOM   84  C  C    . LEU A 1 6  ? 1.68521  1.17588  0.09696  1.000 7.60901  ? 6   LEU A C    1 
ATOM   85  O  O    . LEU A 1 6  ? 2.78141  1.29816  0.63850  1.000 8.18482  ? 6   LEU A O    1 
ATOM   86  C  CB   . LEU A 1 6  ? 1.49980  1.71231  -2.34197 1.000 8.72941  ? 6   LEU A CB   1 
ATOM   87  C  CG   . LEU A 1 6  ? 1.48350  1.25968  -3.81110 1.000 9.82449  ? 6   LEU A CG   1 
ATOM   88  C  CD1  . LEU A 1 6  ? 1.57644  2.46095  -4.73346 1.000 11.22400 ? 6   LEU A CD1  1 
ATOM   89  C  CD2  . LEU A 1 6  ? 2.60391  0.28491  -4.10470 1.000 13.10048 ? 6   LEU A CD2  1 
ATOM   90  H  H    . LEU A 1 6  ? -0.19673 -0.03986 -1.92353 1.000 7.95820  ? 6   LEU A H    1 
ATOM   91  H  HA   . LEU A 1 6  ? 2.38465  0.08085  -1.48178 1.000 9.38142  ? 6   LEU A HA   1 
ATOM   92  H  HB2  . LEU A 1 6  ? 0.68571  2.21574  -2.18474 1.000 10.47529 ? 6   LEU A HB2  1 
ATOM   93  H  HB3  . LEU A 1 6  ? 2.27280  2.28630  -2.22408 1.000 10.47529 ? 6   LEU A HB3  1 
ATOM   94  H  HG   . LEU A 1 6  ? 0.64589  0.80049  -3.97978 1.000 11.78939 ? 6   LEU A HG   1 
ATOM   95  H  HD11 . LEU A 1 6  ? 1.51995  2.15802  -5.65321 1.000 13.46881 ? 6   LEU A HD11 1 
ATOM   96  H  HD12 . LEU A 1 6  ? 0.84364  3.06596  -4.53887 1.000 13.46881 ? 6   LEU A HD12 1 
ATOM   97  H  HD13 . LEU A 1 6  ? 2.42375  2.90891  -4.58419 1.000 13.46881 ? 6   LEU A HD13 1 
ATOM   98  H  HD21 . LEU A 1 6  ? 2.68284  0.17447  -5.06517 1.000 15.72057 ? 6   LEU A HD21 1 
ATOM   99  H  HD22 . LEU A 1 6  ? 3.43209  0.63746  -3.74313 1.000 15.72057 ? 6   LEU A HD22 1 
ATOM   100 H  HD23 . LEU A 1 6  ? 2.39801  -0.56725 -3.68957 1.000 15.72057 ? 6   LEU A HD23 1 
ATOM   101 N  N    . HIS A 1 7  ? 0.55512  1.53091  0.70976  1.000 6.90631  ? 7   HIS A N    1 
ATOM   102 C  CA   . HIS A 1 7  ? 0.62133  2.05793  2.06824  1.000 7.10875  ? 7   HIS A CA   1 
ATOM   103 C  C    . HIS A 1 7  ? 1.27128  1.05806  3.01124  1.000 7.16088  ? 7   HIS A C    1 
ATOM   104 O  O    . HIS A 1 7  ? 2.06704  1.43692  3.87962  1.000 8.59310  ? 7   HIS A O    1 
ATOM   105 C  CB   . HIS A 1 7  ? -0.77310 2.42616  2.57220  1.000 8.04648  ? 7   HIS A CB   1 
ATOM   106 C  CG   . HIS A 1 7  ? -1.17335 3.84541  2.27080  1.000 8.34586  ? 7   HIS A CG   1 
ATOM   107 N  ND1  . HIS A 1 7  ? -0.78287 4.91630  3.04455  1.000 9.79286  ? 7   HIS A ND1  1 
ATOM   108 C  CD2  . HIS A 1 7  ? -1.93349 4.36376  1.27415  1.000 7.05941  ? 7   HIS A CD2  1 
ATOM   109 C  CE1  . HIS A 1 7  ? -1.28628 6.02938  2.53189  1.000 9.53345  ? 7   HIS A CE1  1 
ATOM   110 N  NE2  . HIS A 1 7  ? -1.98499 5.72432  1.45505  1.000 7.37166  ? 7   HIS A NE2  1 
ATOM   111 H  H    . HIS A 1 7  ? -0.23400 1.47800  0.37198  1.000 8.28758  ? 7   HIS A H    1 
ATOM   112 H  HA   . HIS A 1 7  ? 1.15677  2.86666  2.05618  1.000 8.53050  ? 7   HIS A HA   1 
ATOM   113 H  HB2  . HIS A 1 7  ? -1.42141 1.84026  2.15111  1.000 9.65577  ? 7   HIS A HB2  1 
ATOM   114 H  HB3  . HIS A 1 7  ? -0.79720 2.31016  3.53493  1.000 9.65577  ? 7   HIS A HB3  1 
ATOM   115 H  HD1  . HIS A 1 7  ? -0.29072 4.86969  3.74826  1.000 11.75143 ? 7   HIS A HD1  1 
ATOM   116 H  HD2  . HIS A 1 7  ? -2.34533 3.88459  0.59173  1.000 8.47129  ? 7   HIS A HD2  1 
ATOM   117 H  HE1  . HIS A 1 7  ? -1.16675 6.88553  2.87487  1.000 11.44014 ? 7   HIS A HE1  1 
ATOM   118 N  N    . HIS A 1 8  ? 0.94065  -0.21764 2.87517  1.000 6.58567  ? 8   HIS A N    1 
ATOM   119 C  CA   . HIS A 1 8  ? 1.49767  -1.20214 3.80070  1.000 6.89821  ? 8   HIS A CA   1 
ATOM   120 C  C    . HIS A 1 8  ? 2.96177  -1.47701 3.49790  1.000 7.33585  ? 8   HIS A C    1 
ATOM   121 O  O    . HIS A 1 8  ? 3.76582  -1.59329 4.41888  1.000 7.64482  ? 8   HIS A O    1 
ATOM   122 C  CB   . HIS A 1 8  ? 0.66618  -2.47304 3.80827  1.000 6.70580  ? 8   HIS A CB   1 
ATOM   123 C  CG   . HIS A 1 8  ? -0.68571 -2.26302 4.40934  1.000 6.16007  ? 8   HIS A CG   1 
ATOM   124 N  ND1  . HIS A 1 8  ? -1.73682 -1.75742 3.68535  1.000 6.30158  ? 8   HIS A ND1  1 
ATOM   125 C  CD2  . HIS A 1 8  ? -1.14685 -2.43624 5.67122  1.000 6.19664  ? 8   HIS A CD2  1 
ATOM   126 C  CE1  . HIS A 1 8  ? -2.79395 -1.64487 4.46916  1.000 6.65458  ? 8   HIS A CE1  1 
ATOM   127 N  NE2  . HIS A 1 8  ? -2.46786 -2.05818 5.67921  1.000 6.07080  ? 8   HIS A NE2  1 
ATOM   128 H  H    . HIS A 1 8  ? 0.41199  -0.53240 2.27430  1.000 7.90280  ? 8   HIS A H    1 
ATOM   129 H  HA   . HIS A 1 8  ? 1.46329  -0.84838 4.70323  1.000 8.27785  ? 8   HIS A HA   1 
ATOM   130 H  HB2  . HIS A 1 8  ? 0.54685  -2.77977 2.89581  1.000 8.04696  ? 8   HIS A HB2  1 
ATOM   131 H  HB3  . HIS A 1 8  ? 1.12625  -3.15030 4.32844  1.000 8.04696  ? 8   HIS A HB3  1 
ATOM   132 H  HD1  . HIS A 1 8  ? -1.71102 -1.54691 2.85191  1.000 7.56189  ? 8   HIS A HD1  1 
ATOM   133 H  HD2  . HIS A 1 8  ? -0.65965 -2.75245 6.39754  1.000 7.43597  ? 8   HIS A HD2  1 
ATOM   134 H  HE1  . HIS A 1 8  ? -3.62909 -1.32722 4.21121  1.000 7.98550  ? 8   HIS A HE1  1 
HETATM 135 N  N    . AIB A 1 9  ? 3.30134  -1.57554 2.21557  1.000 7.63596  ? 9   AIB A N    1 
HETATM 136 C  CA   . AIB A 1 9  ? 4.68049  -1.78558 1.80076  1.000 8.97025  ? 9   AIB A CA   1 
HETATM 137 C  C    . AIB A 1 9  ? 5.62657  -0.72351 2.38262  1.000 7.82803  ? 9   AIB A C    1 
HETATM 138 O  O    . AIB A 1 9  ? 6.78852  -0.94549 2.73253  1.000 7.92387  ? 9   AIB A O    1 
HETATM 139 C  CB1  . AIB A 1 9  ? 5.21269  -3.17276 2.19499  1.000 10.40811 ? 9   AIB A CB1  1 
HETATM 140 C  CB2  . AIB A 1 9  ? 4.79216  -1.63612 0.27394  1.000 12.22316 ? 9   AIB A CB2  1 
HETATM 141 H  H    . AIB A 1 9  ? 2.76817  -1.19144 1.46046  1.000 9.16315  ? 9   AIB A H    1 
HETATM 142 H  HB11 . AIB A 1 9  ? 4.51789  -3.96242 1.82195  1.000 12.48974 ? 9   AIB A HB11 1 
HETATM 143 H  HB12 . AIB A 1 9  ? 5.28862  -3.24494 3.30606  1.000 12.48974 ? 9   AIB A HB12 1 
HETATM 144 H  HB13 . AIB A 1 9  ? 6.22247  -3.32988 1.74655  1.000 12.48974 ? 9   AIB A HB13 1 
HETATM 145 H  HB21 . AIB A 1 9  ? 5.40452  -2.47790 -0.13115 1.000 14.66779 ? 9   AIB A HB21 1 
HETATM 146 H  HB22 . AIB A 1 9  ? 5.28342  -0.66112 0.03783  1.000 14.66779 ? 9   AIB A HB22 1 
HETATM 147 H  HB23 . AIB A 1 9  ? 3.76799  -1.66300 -0.17108 1.000 14.66779 ? 9   AIB A HB23 1 
ATOM   148 N  N    . LEU A 1 10 ? 5.09189  0.49170  2.44501  1.000 7.22493  ? 10  LEU A N    1 
ATOM   149 C  CA   . LEU A 1 10 ? 5.89056  1.64643  2.83295  1.000 8.13133  ? 10  LEU A CA   1 
ATOM   150 C  C    . LEU A 1 10 ? 6.00737  1.84252  4.32368  1.000 8.66466  ? 10  LEU A C    1 
ATOM   151 O  O    . LEU A 1 10 ? 6.87534  2.57124  4.77693  1.000 9.96083  ? 10  LEU A O    1 
ATOM   152 C  CB   . LEU A 1 10 ? 5.42665  2.94205  2.14735  1.000 11.12891 ? 10  LEU A CB   1 
ATOM   153 C  CG   . LEU A 1 10 ? 5.44920  2.84693  0.61833  1.000 12.60693 ? 10  LEU A CG   1 
ATOM   154 C  CD1  . LEU A 1 10 ? 4.67570  3.99587  -0.00547 1.000 13.76014 ? 10  LEU A CD1  1 
ATOM   155 C  CD2  . LEU A 1 10 ? 6.88275  2.79280  0.11274  1.000 14.20300 ? 10  LEU A CD2  1 
ATOM   156 H  H    . LEU A 1 10 ? 4.27002  0.67239  2.26758  1.000 8.66991  ? 10  LEU A H    1 
ATOM   157 H  HA   . LEU A 1 10 ? 6.78820  1.45951  2.51643  1.000 9.75760  ? 10  LEU A HA   1 
ATOM   158 H  HB2  . LEU A 1 10 ? 4.51708  3.13576  2.42314  1.000 13.35469 ? 10  LEU A HB2  1 
ATOM   159 H  HB3  . LEU A 1 10 ? 6.01501  3.66632  2.41224  1.000 13.35469 ? 10  LEU A HB3  1 
ATOM   160 H  HG   . LEU A 1 10 ? 5.01137  2.02703  0.34092  1.000 15.12831 ? 10  LEU A HG   1 
ATOM   161 H  HD11 . LEU A 1 10 ? 4.69808  3.90432  -0.97089 1.000 16.51216 ? 10  LEU A HD11 1 
ATOM   162 H  HD12 . LEU A 1 10 ? 3.75836  3.96624  0.30841  1.000 16.51216 ? 10  LEU A HD12 1 
ATOM   163 H  HD13 . LEU A 1 10 ? 5.08821  4.83363  0.25699  1.000 16.51216 ? 10  LEU A HD13 1 
ATOM   164 H  HD21 . LEU A 1 10 ? 6.87453  2.75320  -0.85642 1.000 17.04359 ? 10  LEU A HD21 1 
ATOM   165 H  HD22 . LEU A 1 10 ? 7.35178  3.58913  0.40729  1.000 17.04359 ? 10  LEU A HD22 1 
ATOM   166 H  HD23 . LEU A 1 10 ? 7.31484  2.00234  0.47244  1.000 17.04359 ? 10  LEU A HD23 1 
HETATM 167 N  N    . NH2 A 1 11 ? 5.26200  1.00060  5.19685  1.000 9.36880  ? 11  NH2 A N    1 
HETATM 168 H  HN1  . NH2 A 1 11 ? 5.10809  1.65159  5.78268  1.000 11.24256 ? 11  NH2 A HN1  1 
HETATM 169 H  HN2  . NH2 A 1 11 ? 4.45952  0.71242  4.94472  1.000 11.24256 ? 11  NH2 A HN2  1 
HETATM 170 CO CO   . CO  B 2 .  ? -3.19102 6.92015  0.28358  0.50  6.22235  ? 101 CO  A CO   1 
HETATM 171 C  C    . ACT C 3 .  ? -5.31833 6.18816  -0.75324 0.436 7.63985  ? 102 ACT A C    1 
HETATM 172 O  O    . ACT C 3 .  ? -4.93456 5.24308  -0.00916 0.436 7.60045  ? 102 ACT A O    1 
HETATM 173 O  OXT  . ACT C 3 .  ? -4.79318 7.32166  -0.89479 0.436 7.19076  ? 102 ACT A OXT  1 
HETATM 174 C  CH3  . ACT C 3 .  ? -6.61848 5.94051  -1.62632 0.436 5.00000  ? 102 ACT A CH3  1 
HETATM 175 H  H1   . ACT C 3 .  ? -7.12938 5.20982  -1.24425 0.436 6.00000  ? 102 ACT A H1   1 
HETATM 176 H  H2   . ACT C 3 .  ? -6.35980 5.71532  -2.53365 0.436 6.00000  ? 102 ACT A H2   1 
HETATM 177 H  H3   . ACT C 3 .  ? -7.16005 6.74522  -1.63407 0.436 6.00000  ? 102 ACT A H3   1 
HETATM 178 O  O    . HOH D 4 .  ? -8.18503 -1.95670 -0.84600 1.000 49.47804 ? 201 HOH A O    1 
HETATM 179 O  O    . HOH D 4 .  ? -5.62899 8.61830  -3.18793 1.000 28.62743 ? 202 HOH A O    1 
HETATM 180 O  O    . HOH D 4 .  ? 3.19259  -0.85487 7.14499  1.000 32.13460 ? 203 HOH A O    1 
HETATM 181 O  O    . HOH D 4 .  ? 2.48290  4.24443  4.57811  1.000 38.49843 ? 204 HOH A O    1 
HETATM 182 O  O    . HOH D 4 .  ? 0.33106  4.10189  5.70429  0.50  20.22793 ? 205 HOH A O    1 
HETATM 183 O  O    A HOH D 4 .  ? -6.62215 0.08217  -2.29245 0.464 6.84318  ? 206 HOH A O    1 
HETATM 184 O  O    . HOH D 4 .  ? 1.73787  1.33613  7.06506  1.000 33.31296 ? 207 HOH A O    1 
HETATM 185 O  O    . HOH D 4 .  ? -4.21472 1.44652  3.34806  1.000 38.71615 ? 208 HOH A O    1 
# 
loop_
_atom_site_anisotrop.id 
_atom_site_anisotrop.type_symbol 
_atom_site_anisotrop.pdbx_label_atom_id 
_atom_site_anisotrop.pdbx_label_alt_id 
_atom_site_anisotrop.pdbx_label_comp_id 
_atom_site_anisotrop.pdbx_label_asym_id 
_atom_site_anisotrop.pdbx_label_seq_id 
_atom_site_anisotrop.pdbx_PDB_ins_code 
_atom_site_anisotrop.U[1][1] 
_atom_site_anisotrop.U[2][2] 
_atom_site_anisotrop.U[3][3] 
_atom_site_anisotrop.U[1][2] 
_atom_site_anisotrop.U[1][3] 
_atom_site_anisotrop.U[2][3] 
_atom_site_anisotrop.pdbx_auth_seq_id 
_atom_site_anisotrop.pdbx_auth_comp_id 
_atom_site_anisotrop.pdbx_auth_asym_id 
_atom_site_anisotrop.pdbx_auth_atom_id 
1   C  C   . ACE A 1  ? 0.07503 0.06512 0.09773 -0.01509 -0.02318 -0.00177 1   ACE A C   
2   O  O   . ACE A 1  ? 0.07647 0.08000 0.08945 -0.01623 -0.03293 -0.00133 1   ACE A O   
3   C  CH3 . ACE A 1  ? 0.10000 0.12278 0.09102 -0.03103 -0.00389 -0.01153 1   ACE A CH3 
7   N  N   . LEU A 2  ? 0.06443 0.06339 0.08369 -0.00802 -0.02893 -0.00253 2   LEU A N   
8   C  CA  . LEU A 2  ? 0.06081 0.07965 0.08243 -0.01550 -0.02111 -0.00793 2   LEU A CA  
9   C  C   . LEU A 2  ? 0.05510 0.08119 0.07786 -0.02009 -0.01258 0.00217  2   LEU A C   
10  O  O   . LEU A 2  ? 0.06064 0.08367 0.07560 -0.00850 -0.01759 -0.00542 2   LEU A O   
11  C  CB  . LEU A 2  ? 0.08507 0.08957 0.08121 -0.02892 -0.01225 -0.00795 2   LEU A CB  
12  C  CG  . LEU A 2  ? 0.10160 0.12848 0.08332 -0.03429 -0.00198 -0.02139 2   LEU A CG  
13  C  CD1 . LEU A 2  ? 0.10337 0.18000 0.09734 -0.02408 -0.00139 -0.04380 2   LEU A CD1 
14  C  CD2 . LEU A 2  ? 0.12127 0.13174 0.09205 -0.05053 0.01073  -0.02497 2   LEU A CD2 
26  N  N   . AIB A 3  ? 0.07543 0.07857 0.08512 -0.01046 -0.02814 -0.00866 3   AIB A N   
27  C  CA  . AIB A 3  ? 0.09176 0.07873 0.08852 -0.00145 -0.03431 -0.00244 3   AIB A CA  
28  C  C   . AIB A 3  ? 0.08143 0.07865 0.08323 -0.00429 -0.02172 -0.00548 3   AIB A C   
29  O  O   . AIB A 3  ? 0.08190 0.08657 0.07832 -0.00568 -0.02479 -0.00934 3   AIB A O   
30  C  CB1 . AIB A 3  ? 0.10645 0.08978 0.10504 -0.01517 -0.03365 -0.00818 3   AIB A CB1 
31  C  CB2 . AIB A 3  ? 0.11003 0.07985 0.11056 0.02593  -0.05505 -0.01327 3   AIB A CB2 
39  N  N   A GLU A 4  ? 0.07317 0.08953 0.07418 -0.00220 -0.02055 0.00063  4   GLU A N   
40  N  N   B GLU A 4  ? 0.07715 0.09605 0.07746 -0.00003 -0.02290 -0.00352 4   GLU A N   
41  C  CA  A GLU A 4  ? 0.07632 0.09880 0.09067 -0.02210 0.00075  0.00900  4   GLU A CA  
42  C  CA  B GLU A 4  ? 0.08339 0.11432 0.09462 -0.01172 -0.00868 0.00014  4   GLU A CA  
43  C  C   A GLU A 4  ? 0.07781 0.08876 0.07882 -0.02250 -0.01382 0.01384  4   GLU A C   
44  C  C   B GLU A 4  ? 0.08033 0.09795 0.08009 -0.01333 -0.02092 0.01221  4   GLU A C   
45  O  O   A GLU A 4  ? 0.08725 0.09933 0.08233 -0.03639 -0.01125 0.00188  4   GLU A O   
46  O  O   B GLU A 4  ? 0.08428 0.09529 0.07676 -0.02737 -0.01812 0.01400  4   GLU A O   
47  C  CB  A GLU A 4  ? 0.08826 0.13742 0.12147 -0.01343 0.00275  0.01489  4   GLU A CB  
48  C  CB  B GLU A 4  ? 0.09955 0.17085 0.12872 0.00678  -0.01409 -0.00722 4   GLU A CB  
49  C  CG  A GLU A 4  ? 0.10089 0.15752 0.18522 -0.01245 0.00627  -0.00405 4   GLU A CG  
50  C  CG  B GLU A 4  ? 0.11568 0.21735 0.17846 0.01661  -0.01512 -0.03381 4   GLU A CG  
51  C  CD  A GLU A 4  ? 0.10759 0.18291 0.23061 0.00121  0.00623  -0.02503 4   GLU A CD  
52  C  CD  B GLU A 4  ? 0.13042 0.24419 0.22903 0.02086  -0.01066 -0.06388 4   GLU A CD  
53  O  OE1 A GLU A 4  ? 0.10665 0.18697 0.26152 -0.00690 0.01670  -0.02621 4   GLU A OE1 
54  O  OE1 B GLU A 4  ? 0.13228 0.25032 0.21205 0.03304  -0.02791 -0.06367 4   GLU A OE1 
55  O  OE2 A GLU A 4  ? 0.11667 0.19876 0.24559 0.00106  0.01551  -0.04259 4   GLU A OE2 
56  O  OE2 B GLU A 4  ? 0.13034 0.23957 0.25293 0.00998  0.00546  -0.06769 4   GLU A OE2 
69  N  N   . AIB A 5  ? 0.08049 0.08531 0.08840 -0.00916 -0.03165 0.00257  5   AIB A N   
70  C  CA  . AIB A 5  ? 0.09754 0.07952 0.09549 0.01616  -0.05400 0.00155  5   AIB A CA  
71  C  C   . AIB A 5  ? 0.07797 0.10220 0.09981 0.00988  -0.03806 -0.01210 5   AIB A C   
72  O  O   . AIB A 5  ? 0.08871 0.11389 0.12084 0.02077  -0.05692 -0.02901 5   AIB A O   
73  C  CB1 . AIB A 5  ? 0.11042 0.11130 0.13515 0.01621  -0.06600 -0.02350 5   AIB A CB1 
74  C  CB2 . AIB A 5  ? 0.09992 0.10046 0.13540 0.02431  -0.05835 -0.03223 5   AIB A CB2 
82  N  N   . LEU A 6  ? 0.05875 0.10441 0.08882 -0.00123 -0.02520 -0.00664 6   LEU A N   
83  C  CA  . LEU A 6  ? 0.06697 0.13922 0.09085 -0.01219 -0.01866 -0.01659 6   LEU A CA  
84  C  C   . LEU A 6  ? 0.06622 0.11997 0.10290 -0.00544 -0.02162 -0.00600 6   LEU A C   
85  O  O   . LEU A 6  ? 0.06585 0.13806 0.10707 -0.00687 -0.02593 -0.01480 6   LEU A O   
86  C  CB  . LEU A 6  ? 0.07832 0.15985 0.09351 -0.03428 -0.00734 -0.02909 6   LEU A CB  
87  C  CG  . LEU A 6  ? 0.10183 0.17166 0.09980 -0.03138 0.00421  -0.02301 6   LEU A CG  
88  C  CD1 . LEU A 6  ? 0.13752 0.18257 0.10637 -0.05961 0.02007  -0.03914 6   LEU A CD1 
89  C  CD2 . LEU A 6  ? 0.10041 0.26039 0.13696 -0.00254 0.00436  -0.05965 6   LEU A CD2 
101 N  N   . HIS A 7  ? 0.08319 0.09739 0.08184 -0.00914 -0.02102 0.00092  7   HIS A N   
102 C  CA  . HIS A 7  ? 0.09289 0.08686 0.09036 -0.00793 -0.02632 -0.00244 7   HIS A CA  
103 C  C   . HIS A 7  ? 0.07566 0.08993 0.10650 -0.00934 -0.02751 0.00023  7   HIS A C   
104 O  O   . HIS A 7  ? 0.10891 0.11119 0.10640 -0.01102 -0.04313 -0.00616 7   HIS A O   
105 C  CB  . HIS A 7  ? 0.10725 0.10747 0.09100 -0.00555 -0.02234 0.00097  7   HIS A CB  
106 C  CG  . HIS A 7  ? 0.11454 0.09876 0.10381 -0.00887 -0.02456 -0.00631 7   HIS A CG  
107 N  ND1 . HIS A 7  ? 0.13491 0.11560 0.12157 0.02419  -0.06392 -0.01715 7   HIS A ND1 
108 C  CD2 . HIS A 7  ? 0.10542 0.08163 0.08117 -0.00271 -0.02789 0.00957  7   HIS A CD2 
109 C  CE1 . HIS A 7  ? 0.13418 0.10667 0.12138 0.01843  -0.05285 -0.01810 7   HIS A CE1 
110 N  NE2 . HIS A 7  ? 0.10929 0.08618 0.08461 0.00237  -0.02815 0.00447  7   HIS A NE2 
118 N  N   . HIS A 8  ? 0.06179 0.08243 0.10600 -0.00777 -0.01555 -0.00044 8   HIS A N   
119 C  CA  . HIS A 8  ? 0.06696 0.09283 0.10231 0.00106  -0.01963 0.00312  8   HIS A CA  
120 C  C   . HIS A 8  ? 0.06442 0.10509 0.10921 0.00353  -0.02525 0.00118  8   HIS A C   
121 O  O   . HIS A 8  ? 0.06846 0.11060 0.11141 0.00542  -0.02664 0.00899  8   HIS A O   
122 C  CB  . HIS A 8  ? 0.07098 0.07601 0.10781 -0.00336 -0.01542 0.00022  8   HIS A CB  
123 C  CG  . HIS A 8  ? 0.06829 0.07118 0.09459 -0.00523 -0.00818 0.00985  8   HIS A CG  
124 N  ND1 . HIS A 8  ? 0.08029 0.08572 0.07343 -0.00414 -0.00875 0.01252  8   HIS A ND1 
125 C  CD2 . HIS A 8  ? 0.07154 0.07962 0.08428 -0.00914 -0.00659 0.00416  8   HIS A CD2 
126 C  CE1 . HIS A 8  ? 0.07357 0.10367 0.07561 -0.01240 -0.00589 -0.00013 8   HIS A CE1 
127 N  NE2 . HIS A 8  ? 0.06986 0.08212 0.07868 -0.00937 -0.00894 -0.00397 8   HIS A NE2 
135 N  N   . AIB A 9  ? 0.05645 0.11773 0.11596 0.01362  -0.03143 -0.01675 9   AIB A N   
136 C  CA  . AIB A 9  ? 0.07461 0.15855 0.10766 0.01130  -0.03123 -0.03579 9   AIB A CA  
137 C  C   . AIB A 9  ? 0.07122 0.14151 0.08470 0.00269  -0.02565 -0.00206 9   AIB A C   
138 O  O   . AIB A 9  ? 0.06846 0.15285 0.07975 -0.00233 -0.01526 0.00077  9   AIB A O   
139 C  CB1 . AIB A 9  ? 0.08132 0.15452 0.15962 0.01980  -0.03834 -0.05980 9   AIB A CB1 
140 C  CB2 . AIB A 9  ? 0.08964 0.25602 0.11877 0.02485  -0.02613 -0.06872 9   AIB A CB2 
148 N  N   . LEU A 10 ? 0.06930 0.13216 0.07305 -0.01707 -0.02032 0.02241  10  LEU A N   
149 C  CA  . LEU A 10 ? 0.08114 0.12403 0.10380 -0.01608 -0.02077 0.03587  10  LEU A CA  
150 C  C   . LEU A 10 ? 0.10330 0.09473 0.13118 -0.00661 -0.03430 0.00409  10  LEU A C   
151 O  O   . LEU A 10 ? 0.11750 0.10418 0.15679 0.01164  -0.05929 -0.01902 10  LEU A O   
152 C  CB  . LEU A 10 ? 0.10178 0.16494 0.15613 -0.02187 -0.01684 0.03754  10  LEU A CB  
153 C  CG  . LEU A 10 ? 0.12251 0.18659 0.16989 -0.02687 -0.00935 0.06120  10  LEU A CG  
154 C  CD1 . LEU A 10 ? 0.13599 0.20805 0.17878 -0.02377 -0.00519 0.07546  10  LEU A CD1 
155 C  CD2 . LEU A 10 ? 0.13569 0.21495 0.18901 -0.04133 0.00154  0.04096  10  LEU A CD2 
167 N  N   . NH2 A 11 ? 0.12925 0.11010 0.11661 -0.01378 -0.01984 -0.00218 11  NH2 A N   
170 CO CO  . CO  B .  ? 0.07329 0.08515 0.07798 -0.00522 -0.00378 -0.00128 101 CO  A CO  
171 C  C   . ACT C .  ? 0.06417 0.13255 0.09356 -0.00201 -0.00003 -0.04248 102 ACT A C   
172 O  O   . ACT C .  ? 0.05112 0.12656 0.11111 -0.02202 0.00390  -0.04980 102 ACT A O   
173 O  OXT . ACT C .  ? 0.05305 0.14397 0.07620 0.00806  -0.01402 -0.04819 102 ACT A OXT 
174 C  CH3 . ACT C .  ? 0.06333 0.06333 0.06333 0.00000  0.00000  0.00000  102 ACT A CH3 
178 O  O   . HOH D .  ? 0.78549 0.77897 0.31548 -0.08237 -0.00896 -0.10947 201 HOH A O   
179 O  O   . HOH D .  ? 0.19678 0.58952 0.30139 0.04891  -0.01029 0.12581  202 HOH A O   
180 O  O   . HOH D .  ? 0.44458 0.59402 0.18237 0.02097  -0.05416 0.04118  203 HOH A O   
181 O  O   . HOH D .  ? 0.52471 0.45851 0.47955 -0.01996 -0.04735 -0.07502 204 HOH A O   
182 O  O   . HOH D .  ? 0.23006 0.22913 0.30939 0.01100  -0.03455 -0.03116 205 HOH A O   
183 O  O   A HOH D .  ? 0.12097 0.10552 0.03351 -0.01121 0.01111  -0.00349 206 HOH A O   
184 O  O   . HOH D .  ? 0.30192 0.52741 0.43640 0.05464  0.03162  -0.18413 207 HOH A O   
185 O  O   . HOH D .  ? 0.58858 0.49295 0.38950 0.07901  0.07261  -0.04700 208 HOH A O   
# 
